data_3WAG
#
_entry.id   3WAG
#
_cell.length_a   98.829
_cell.length_b   130.162
_cell.length_c   139.787
_cell.angle_alpha   90.00
_cell.angle_beta   90.00
_cell.angle_gamma   90.00
#
_symmetry.space_group_name_H-M   'I 2 2 2'
#
loop_
_entity.id
_entity.type
_entity.pdbx_description
1 polymer Glycosyltransferase
2 non-polymer "THYMIDINE-5'-DIPHOSPHATE"
3 non-polymer 'PHOSPHATE ION'
4 non-polymer 'MAGNESIUM ION'
5 water water
#
_entity_poly.entity_id   1
_entity_poly.type   'polypeptide(L)'
_entity_poly.pdbx_seq_one_letter_code
;MRVLMTVFANRSHLYNMVPLAWALTTAGHEVHIASHPDNVQAISDSGLTAVPVGNDLNIMALAQSTPREEMVNGGALTLN
ETRPEKLTWQYIHDVFAQYSQIYEYMADSTMTADLVAHARQWQPDLVIWDALTYAGPIAAEAVGAPHVRMLFGLDQWGRM
RDHFNRLTGERAADDRHDPLADWLATKGEPHGVAFTESLVTGTTTLAVAPPWMSFPSEQPALSMRHLPFNGPAVLPDWLR
EAPSRPRVCLTLGLTLRELADDNVTLADFVNAVADIDADVVATFSAEQVAEIGDLPDNVRAVDFVPLHALLPSCAAIVHH
GGGGTRTNAIRYGVPQLIVPNWLWDEGYVAERFAERGAALVTEVPDLTPDRLRDQLRRLIAEPSFKAAAEQIQKEYDALP
SLTETVGELVRVAERGRSL
;
_entity_poly.pdbx_strand_id   A,B
#
# COMPACT_ATOMS: atom_id res chain seq x y z
N MET A 1 15.69 0.91 8.55
CA MET A 1 16.72 0.50 7.60
C MET A 1 16.30 0.85 6.16
N ARG A 2 17.26 0.79 5.25
CA ARG A 2 17.05 1.11 3.88
C ARG A 2 16.94 -0.19 3.12
N VAL A 3 15.75 -0.47 2.58
CA VAL A 3 15.61 -1.64 1.71
C VAL A 3 15.39 -1.27 0.21
N LEU A 4 16.29 -1.79 -0.61
CA LEU A 4 16.26 -1.67 -2.06
C LEU A 4 15.61 -2.96 -2.63
N MET A 5 14.35 -2.85 -3.02
CA MET A 5 13.72 -3.93 -3.74
C MET A 5 13.95 -3.77 -5.24
N THR A 6 14.09 -4.87 -5.95
CA THR A 6 14.13 -4.77 -7.39
C THR A 6 13.36 -5.92 -8.10
N VAL A 7 12.68 -5.55 -9.19
CA VAL A 7 11.93 -6.45 -10.03
C VAL A 7 12.00 -5.93 -11.48
N PHE A 8 12.27 -6.83 -12.42
CA PHE A 8 12.09 -6.53 -13.85
C PHE A 8 10.67 -6.07 -14.15
N ALA A 9 10.53 -5.41 -15.31
CA ALA A 9 9.25 -4.74 -15.72
C ALA A 9 8.16 -5.74 -16.06
N ASN A 10 7.41 -6.14 -15.05
CA ASN A 10 6.27 -7.06 -15.21
C ASN A 10 5.37 -6.87 -14.04
N ARG A 11 4.06 -6.68 -14.27
CA ARG A 11 3.13 -6.30 -13.20
C ARG A 11 2.90 -7.39 -12.21
N SER A 12 2.86 -8.62 -12.72
CA SER A 12 2.59 -9.78 -11.93
C SER A 12 3.76 -10.02 -10.94
N HIS A 13 5.02 -9.90 -11.39
CA HIS A 13 6.16 -10.04 -10.49
C HIS A 13 6.29 -8.90 -9.54
N LEU A 14 5.81 -7.73 -9.96
CA LEU A 14 5.74 -6.60 -9.07
C LEU A 14 4.73 -6.82 -7.95
N TYR A 15 3.54 -7.24 -8.35
CA TYR A 15 2.45 -7.47 -7.40
C TYR A 15 2.86 -8.50 -6.33
N ASN A 16 3.60 -9.54 -6.74
CA ASN A 16 4.28 -10.53 -5.88
C ASN A 16 4.98 -9.95 -4.63
N MET A 17 5.70 -8.86 -4.84
CA MET A 17 6.47 -8.25 -3.77
C MET A 17 5.82 -7.00 -3.20
N VAL A 18 4.60 -6.62 -3.65
CA VAL A 18 4.00 -5.36 -3.14
C VAL A 18 3.62 -5.43 -1.62
N PRO A 19 2.96 -6.51 -1.18
CA PRO A 19 2.60 -6.53 0.26
C PRO A 19 3.84 -6.52 1.18
N LEU A 20 4.83 -7.32 0.87
CA LEU A 20 6.11 -7.22 1.56
C LEU A 20 6.68 -5.76 1.62
N ALA A 21 6.78 -5.10 0.46
CA ALA A 21 7.17 -3.67 0.39
C ALA A 21 6.39 -2.79 1.34
N TRP A 22 5.09 -3.05 1.43
CA TRP A 22 4.29 -2.38 2.39
C TRP A 22 4.53 -2.76 3.85
N ALA A 23 4.78 -4.03 4.14
CA ALA A 23 5.10 -4.54 5.51
C ALA A 23 6.38 -3.86 5.94
N LEU A 24 7.33 -3.74 5.03
CA LEU A 24 8.53 -3.06 5.38
C LEU A 24 8.28 -1.58 5.66
N THR A 25 7.39 -0.96 4.86
CA THR A 25 7.14 0.51 4.94
C THR A 25 6.45 0.87 6.25
N THR A 26 5.38 0.15 6.59
CA THR A 26 4.71 0.44 7.85
C THR A 26 5.52 0.07 9.10
N ALA A 27 6.52 -0.82 8.99
CA ALA A 27 7.46 -1.08 10.10
C ALA A 27 8.46 0.04 10.22
N GLY A 28 8.42 1.00 9.29
CA GLY A 28 9.23 2.21 9.38
C GLY A 28 10.44 2.21 8.47
N HIS A 29 10.68 1.16 7.71
CA HIS A 29 11.87 1.13 6.88
C HIS A 29 11.68 1.94 5.63
N GLU A 30 12.80 2.45 5.13
CA GLU A 30 12.78 3.20 3.87
C GLU A 30 12.83 2.19 2.71
N VAL A 31 11.81 2.22 1.84
CA VAL A 31 11.71 1.26 0.74
C VAL A 31 11.74 1.93 -0.61
N HIS A 32 12.68 1.51 -1.45
CA HIS A 32 12.71 1.80 -2.90
C HIS A 32 12.46 0.54 -3.72
N ILE A 33 11.62 0.68 -4.75
CA ILE A 33 11.46 -0.40 -5.77
C ILE A 33 12.08 0.07 -7.04
N ALA A 34 13.17 -0.59 -7.44
CA ALA A 34 13.81 -0.29 -8.66
C ALA A 34 13.34 -1.23 -9.74
N SER A 35 12.88 -0.64 -10.86
CA SER A 35 12.35 -1.43 -11.99
C SER A 35 12.64 -0.66 -13.27
N HIS A 36 12.36 -1.24 -14.44
CA HIS A 36 12.63 -0.54 -15.70
C HIS A 36 11.68 0.63 -15.79
N PRO A 37 12.04 1.66 -16.58
CA PRO A 37 11.08 2.77 -16.65
C PRO A 37 9.62 2.39 -17.05
N ASP A 38 9.41 1.35 -17.85
CA ASP A 38 8.00 0.98 -18.18
C ASP A 38 7.23 0.23 -17.05
N ASN A 39 7.77 0.23 -15.83
CA ASN A 39 7.05 -0.44 -14.75
C ASN A 39 6.90 0.53 -13.59
N VAL A 40 7.44 1.73 -13.74
CA VAL A 40 7.42 2.75 -12.67
C VAL A 40 5.99 3.20 -12.32
N GLN A 41 5.15 3.32 -13.32
CA GLN A 41 3.77 3.72 -13.09
C GLN A 41 3.04 2.65 -12.28
N ALA A 42 3.27 1.38 -12.60
CA ALA A 42 2.59 0.33 -11.81
C ALA A 42 3.06 0.36 -10.31
N ILE A 43 4.34 0.66 -10.09
CA ILE A 43 4.90 0.80 -8.74
C ILE A 43 4.29 1.96 -8.00
N SER A 44 4.31 3.12 -8.64
CA SER A 44 3.57 4.27 -8.11
C SER A 44 2.08 4.01 -7.81
N ASP A 45 1.39 3.36 -8.76
CA ASP A 45 -0.01 2.99 -8.60
C ASP A 45 -0.34 1.92 -7.56
N SER A 46 0.69 1.28 -7.01
CA SER A 46 0.54 0.39 -5.83
C SER A 46 0.82 1.14 -4.52
N GLY A 47 0.96 2.46 -4.61
CA GLY A 47 1.31 3.26 -3.43
C GLY A 47 2.79 3.38 -3.06
N LEU A 48 3.69 2.87 -3.88
CA LEU A 48 5.10 2.79 -3.46
C LEU A 48 5.94 3.79 -4.20
N THR A 49 7.23 3.81 -3.82
CA THR A 49 8.25 4.72 -4.34
C THR A 49 9.18 4.03 -5.30
N ALA A 50 9.17 4.50 -6.54
CA ALA A 50 9.88 3.84 -7.65
C ALA A 50 11.12 4.59 -7.96
N VAL A 51 12.09 3.80 -8.40
CA VAL A 51 13.40 4.19 -8.82
C VAL A 51 13.57 3.57 -10.19
N PRO A 52 13.46 4.40 -11.25
CA PRO A 52 13.69 3.86 -12.61
C PRO A 52 15.13 3.49 -12.78
N VAL A 53 15.35 2.31 -13.37
CA VAL A 53 16.69 1.88 -13.69
C VAL A 53 16.71 1.27 -15.09
N GLY A 54 17.75 1.55 -15.86
CA GLY A 54 17.85 0.93 -17.18
C GLY A 54 16.90 1.52 -18.23
N ASN A 55 16.83 0.82 -19.38
CA ASN A 55 15.92 1.08 -20.49
C ASN A 55 14.63 0.29 -20.41
N ASP A 56 13.55 0.89 -20.89
CA ASP A 56 12.27 0.23 -21.08
C ASP A 56 12.53 -1.20 -21.47
N LEU A 57 11.88 -2.15 -20.82
CA LEU A 57 12.08 -3.58 -21.22
C LEU A 57 11.06 -4.00 -22.29
N ASN A 58 9.81 -3.53 -22.19
CA ASN A 58 8.70 -4.11 -22.96
C ASN A 58 8.77 -5.65 -23.10
N ILE A 59 8.63 -6.42 -22.01
CA ILE A 59 8.74 -7.90 -22.13
C ILE A 59 7.57 -8.46 -22.86
N MET A 60 6.44 -7.75 -22.83
CA MET A 60 5.23 -8.21 -23.56
C MET A 60 5.40 -8.10 -25.08
N ALA A 61 6.43 -8.79 -25.61
CA ALA A 61 6.83 -8.77 -27.04
C ALA A 61 8.09 -9.60 -27.20
N ALA A 76 12.74 -27.86 -26.71
CA ALA A 76 12.70 -28.95 -25.74
C ALA A 76 13.45 -28.63 -24.41
N LEU A 77 13.92 -27.39 -24.24
CA LEU A 77 14.64 -26.97 -23.01
C LEU A 77 13.80 -26.21 -21.99
N THR A 78 13.13 -26.94 -21.08
CA THR A 78 12.28 -26.30 -20.05
C THR A 78 12.87 -26.37 -18.65
N LEU A 79 12.60 -25.32 -17.91
CA LEU A 79 12.93 -25.27 -16.54
C LEU A 79 11.97 -26.16 -15.74
N ASN A 80 10.79 -26.46 -16.28
CA ASN A 80 9.79 -27.13 -15.48
C ASN A 80 9.79 -28.68 -15.63
N GLU A 81 10.86 -29.20 -16.22
CA GLU A 81 11.08 -30.65 -16.39
C GLU A 81 11.52 -31.33 -15.09
N THR A 82 10.73 -32.30 -14.63
CA THR A 82 11.04 -33.09 -13.45
C THR A 82 11.27 -34.61 -13.69
N ARG A 83 10.78 -35.17 -14.79
CA ARG A 83 11.06 -36.60 -15.14
C ARG A 83 12.58 -36.87 -15.05
N PRO A 84 13.00 -37.71 -14.07
CA PRO A 84 14.40 -37.74 -13.59
C PRO A 84 15.40 -38.32 -14.56
N GLU A 85 14.90 -39.00 -15.59
CA GLU A 85 15.73 -39.45 -16.74
C GLU A 85 15.96 -38.33 -17.76
N LYS A 86 15.11 -37.32 -17.76
CA LYS A 86 15.37 -36.18 -18.60
C LYS A 86 16.39 -35.28 -17.89
N LEU A 87 16.53 -35.44 -16.57
CA LEU A 87 17.43 -34.55 -15.79
C LEU A 87 18.92 -34.89 -15.81
N THR A 88 19.50 -34.91 -17.00
CA THR A 88 20.94 -35.20 -17.12
C THR A 88 21.75 -33.92 -16.97
N TRP A 89 23.03 -34.03 -16.66
CA TRP A 89 23.87 -32.84 -16.54
C TRP A 89 23.86 -31.97 -17.80
N GLN A 90 23.82 -32.58 -18.97
CA GLN A 90 23.88 -31.85 -20.22
C GLN A 90 22.60 -31.05 -20.36
N TYR A 91 21.49 -31.74 -20.09
CA TYR A 91 20.19 -31.13 -20.14
C TYR A 91 20.13 -29.88 -19.26
N ILE A 92 20.54 -30.02 -18.00
CA ILE A 92 20.47 -28.91 -17.04
C ILE A 92 21.45 -27.80 -17.45
N HIS A 93 22.66 -28.22 -17.84
CA HIS A 93 23.70 -27.30 -18.35
C HIS A 93 23.17 -26.44 -19.46
N ASP A 94 22.41 -27.04 -20.36
CA ASP A 94 21.89 -26.35 -21.52
C ASP A 94 20.68 -25.52 -21.13
N VAL A 95 19.85 -26.01 -20.22
CA VAL A 95 18.83 -25.13 -19.65
C VAL A 95 19.51 -23.85 -19.11
N PHE A 96 20.56 -23.98 -18.32
CA PHE A 96 21.22 -22.80 -17.78
C PHE A 96 21.96 -21.95 -18.85
N ALA A 97 22.34 -22.53 -19.97
CA ALA A 97 22.91 -21.73 -21.04
C ALA A 97 21.76 -20.85 -21.64
N GLN A 98 20.64 -21.47 -21.95
CA GLN A 98 19.53 -20.78 -22.54
C GLN A 98 18.91 -19.68 -21.62
N TYR A 99 18.66 -20.03 -20.36
CA TYR A 99 18.00 -19.11 -19.45
C TYR A 99 18.90 -18.01 -18.93
N SER A 100 20.19 -18.20 -18.90
CA SER A 100 20.99 -17.08 -18.50
C SER A 100 20.85 -15.91 -19.50
N GLN A 101 20.71 -16.20 -20.81
CA GLN A 101 20.50 -15.13 -21.84
C GLN A 101 19.14 -14.53 -21.66
N ILE A 102 18.10 -15.34 -21.47
CA ILE A 102 16.78 -14.73 -21.14
C ILE A 102 16.88 -13.74 -19.93
N TYR A 103 17.54 -14.16 -18.85
CA TYR A 103 17.51 -13.33 -17.63
C TYR A 103 18.43 -12.16 -17.78
N GLU A 104 19.56 -12.36 -18.45
CA GLU A 104 20.48 -11.22 -18.75
C GLU A 104 19.60 -10.16 -19.45
N TYR A 105 18.89 -10.60 -20.49
CA TYR A 105 18.02 -9.68 -21.21
C TYR A 105 17.05 -8.89 -20.32
N MET A 106 16.43 -9.58 -19.36
CA MET A 106 15.44 -9.01 -18.43
C MET A 106 15.99 -8.06 -17.42
N ALA A 107 17.30 -8.12 -17.15
CA ALA A 107 17.91 -7.17 -16.26
C ALA A 107 19.31 -6.92 -16.78
N ASP A 108 19.42 -6.22 -17.91
CA ASP A 108 20.70 -6.13 -18.63
C ASP A 108 21.78 -5.21 -18.01
N SER A 109 22.86 -4.96 -18.78
CA SER A 109 24.04 -4.33 -18.18
C SER A 109 23.79 -2.83 -17.96
N THR A 110 22.79 -2.26 -18.62
CA THR A 110 22.38 -0.89 -18.32
C THR A 110 21.51 -0.83 -17.05
N MET A 111 20.48 -1.64 -17.04
CA MET A 111 19.72 -1.83 -15.82
C MET A 111 20.64 -2.24 -14.64
N THR A 112 21.50 -3.23 -14.83
CA THR A 112 22.39 -3.65 -13.73
C THR A 112 23.27 -2.48 -13.25
N ALA A 113 23.92 -1.81 -14.20
CA ALA A 113 24.77 -0.65 -13.88
C ALA A 113 24.00 0.51 -13.23
N ASP A 114 22.74 0.82 -13.63
CA ASP A 114 21.95 1.84 -12.89
C ASP A 114 21.63 1.44 -11.43
N LEU A 115 21.26 0.18 -11.23
CA LEU A 115 20.88 -0.28 -9.91
C LEU A 115 22.10 -0.33 -9.02
N VAL A 116 23.24 -0.74 -9.58
CA VAL A 116 24.51 -0.73 -8.79
C VAL A 116 24.87 0.72 -8.39
N ALA A 117 24.69 1.67 -9.32
CA ALA A 117 25.08 3.05 -9.02
C ALA A 117 24.19 3.63 -7.93
N HIS A 118 22.89 3.29 -7.95
CA HIS A 118 21.94 3.70 -6.92
C HIS A 118 22.23 3.04 -5.60
N ALA A 119 22.50 1.74 -5.59
CA ALA A 119 22.98 1.11 -4.35
C ALA A 119 24.21 1.86 -3.78
N ARG A 120 25.16 2.20 -4.64
CA ARG A 120 26.41 2.85 -4.12
C ARG A 120 26.14 4.16 -3.46
N GLN A 121 25.28 4.99 -4.09
CA GLN A 121 24.86 6.26 -3.51
C GLN A 121 23.89 6.12 -2.31
N TRP A 122 22.89 5.24 -2.41
CA TRP A 122 21.87 5.09 -1.34
C TRP A 122 22.27 4.20 -0.17
N GLN A 123 23.21 3.29 -0.40
CA GLN A 123 23.68 2.36 0.66
C GLN A 123 22.54 1.62 1.31
N PRO A 124 21.84 0.77 0.53
CA PRO A 124 20.85 0.00 1.29
C PRO A 124 21.52 -1.04 2.28
N ASP A 125 20.87 -1.30 3.40
CA ASP A 125 21.20 -2.36 4.36
C ASP A 125 20.74 -3.79 3.94
N LEU A 126 19.75 -3.84 3.05
CA LEU A 126 19.14 -5.07 2.55
C LEU A 126 18.60 -4.84 1.07
N VAL A 127 18.97 -5.71 0.15
CA VAL A 127 18.39 -5.81 -1.19
C VAL A 127 17.46 -7.04 -1.18
N ILE A 128 16.20 -6.85 -1.58
CA ILE A 128 15.31 -7.93 -1.94
C ILE A 128 15.09 -7.92 -3.46
N TRP A 129 15.48 -9.00 -4.15
CA TRP A 129 15.30 -9.12 -5.58
C TRP A 129 14.35 -10.18 -6.02
N ASP A 130 13.39 -9.78 -6.84
CA ASP A 130 12.54 -10.77 -7.53
C ASP A 130 13.40 -11.84 -8.19
N ALA A 131 12.98 -13.11 -8.05
CA ALA A 131 13.88 -14.26 -8.40
C ALA A 131 14.36 -14.29 -9.88
N LEU A 132 13.72 -13.48 -10.75
CA LEU A 132 14.15 -13.38 -12.16
C LEU A 132 14.90 -12.11 -12.53
N THR A 133 15.30 -11.35 -11.50
CA THR A 133 15.84 -10.04 -11.67
C THR A 133 17.28 -9.99 -11.13
N TYR A 134 18.21 -10.46 -11.97
CA TYR A 134 19.58 -10.74 -11.55
C TYR A 134 20.51 -9.53 -11.40
N ALA A 135 20.00 -8.34 -11.67
CA ALA A 135 20.70 -7.14 -11.31
C ALA A 135 20.82 -7.03 -9.80
N GLY A 136 19.84 -7.55 -9.05
CA GLY A 136 19.79 -7.36 -7.59
C GLY A 136 21.03 -7.83 -6.83
N PRO A 137 21.45 -9.08 -7.05
CA PRO A 137 22.57 -9.57 -6.21
C PRO A 137 23.88 -8.95 -6.62
N ILE A 138 23.98 -8.51 -7.87
CA ILE A 138 25.13 -7.77 -8.30
C ILE A 138 25.16 -6.46 -7.55
N ALA A 139 24.01 -5.78 -7.45
CA ALA A 139 23.97 -4.50 -6.78
C ALA A 139 24.29 -4.67 -5.29
N ALA A 140 23.70 -5.67 -4.64
CA ALA A 140 23.95 -5.93 -3.23
C ALA A 140 25.42 -6.29 -2.94
N GLU A 141 25.99 -7.27 -3.63
CA GLU A 141 27.41 -7.57 -3.42
C GLU A 141 28.34 -6.40 -3.72
N ALA A 142 27.94 -5.49 -4.59
CA ALA A 142 28.78 -4.37 -4.92
C ALA A 142 28.93 -3.42 -3.75
N VAL A 143 28.02 -3.49 -2.78
CA VAL A 143 28.02 -2.53 -1.69
C VAL A 143 28.10 -3.32 -0.39
N GLY A 144 28.17 -4.65 -0.49
CA GLY A 144 28.35 -5.53 0.67
C GLY A 144 27.10 -5.75 1.47
N ALA A 145 25.96 -5.57 0.82
CA ALA A 145 24.72 -5.75 1.52
C ALA A 145 24.32 -7.19 1.35
N PRO A 146 23.76 -7.80 2.42
CA PRO A 146 23.09 -9.09 2.21
C PRO A 146 21.82 -8.90 1.37
N HIS A 147 21.33 -9.96 0.76
CA HIS A 147 20.20 -9.86 -0.12
C HIS A 147 19.36 -11.08 -0.20
N VAL A 148 18.05 -10.90 -0.37
CA VAL A 148 17.11 -11.97 -0.28
C VAL A 148 16.50 -12.17 -1.68
N ARG A 149 16.52 -13.43 -2.13
CA ARG A 149 15.98 -13.79 -3.44
C ARG A 149 14.59 -14.10 -3.12
N MET A 150 13.67 -13.42 -3.79
CA MET A 150 12.30 -13.59 -3.47
C MET A 150 11.66 -14.39 -4.61
N LEU A 151 11.13 -15.57 -4.27
CA LEU A 151 10.45 -16.42 -5.23
C LEU A 151 9.09 -15.87 -5.59
N PHE A 152 8.49 -16.35 -6.69
CA PHE A 152 7.17 -15.83 -7.14
C PHE A 152 6.29 -17.03 -7.50
N GLY A 153 6.82 -18.23 -7.28
CA GLY A 153 6.04 -19.51 -7.21
C GLY A 153 7.05 -20.54 -6.71
N LEU A 154 7.03 -21.77 -7.23
CA LEU A 154 8.04 -22.77 -6.78
C LEU A 154 9.44 -22.41 -7.29
N ASP A 155 10.44 -22.95 -6.63
CA ASP A 155 11.84 -22.69 -6.95
C ASP A 155 12.42 -23.65 -8.01
N GLN A 156 11.83 -23.60 -9.21
CA GLN A 156 12.25 -24.41 -10.35
C GLN A 156 13.71 -24.25 -10.50
N TRP A 157 14.19 -23.05 -10.28
CA TRP A 157 15.60 -22.74 -10.56
C TRP A 157 16.55 -23.33 -9.52
N GLY A 158 16.17 -23.26 -8.24
CA GLY A 158 16.94 -23.85 -7.13
C GLY A 158 16.93 -25.38 -7.21
N ARG A 159 15.78 -25.96 -7.57
CA ARG A 159 15.61 -27.40 -7.80
C ARG A 159 16.57 -27.85 -8.91
N MET A 160 16.55 -27.18 -10.06
CA MET A 160 17.51 -27.45 -11.15
C MET A 160 18.95 -27.28 -10.68
N ARG A 161 19.21 -26.23 -9.93
CA ARG A 161 20.60 -25.92 -9.58
C ARG A 161 21.16 -26.94 -8.57
N ASP A 162 20.32 -27.48 -7.70
CA ASP A 162 20.79 -28.47 -6.72
C ASP A 162 21.32 -29.74 -7.47
N HIS A 163 20.50 -30.32 -8.36
CA HIS A 163 20.91 -31.36 -9.30
C HIS A 163 22.17 -30.97 -10.01
N PHE A 164 22.15 -29.83 -10.70
CA PHE A 164 23.32 -29.39 -11.41
C PHE A 164 24.58 -29.36 -10.58
N ASN A 165 24.58 -28.70 -9.44
CA ASN A 165 25.78 -28.60 -8.65
C ASN A 165 26.33 -29.94 -8.21
N ARG A 166 25.46 -30.91 -7.94
CA ARG A 166 25.91 -32.20 -7.45
C ARG A 166 26.42 -33.02 -8.63
N LEU A 167 25.69 -33.04 -9.73
CA LEU A 167 26.11 -33.71 -10.95
C LEU A 167 27.45 -33.18 -11.41
N THR A 168 27.65 -31.88 -11.22
CA THR A 168 28.86 -31.17 -11.62
C THR A 168 30.00 -31.58 -10.72
N GLY A 169 29.74 -31.69 -9.43
CA GLY A 169 30.76 -32.12 -8.46
C GLY A 169 31.44 -33.45 -8.80
N GLU A 170 30.71 -34.31 -9.50
CA GLU A 170 31.22 -35.59 -9.90
C GLU A 170 31.65 -35.63 -11.36
N ARG A 171 32.68 -34.86 -11.68
CA ARG A 171 33.22 -34.88 -13.04
C ARG A 171 34.68 -34.49 -13.03
N ALA A 172 35.42 -34.94 -14.03
CA ALA A 172 36.73 -34.36 -14.31
C ALA A 172 36.68 -32.88 -13.93
N ALA A 173 37.52 -32.45 -12.99
CA ALA A 173 37.60 -31.04 -12.59
C ALA A 173 37.63 -30.13 -13.80
N ASP A 174 37.94 -30.71 -14.95
CA ASP A 174 38.20 -29.98 -16.17
C ASP A 174 36.98 -30.05 -17.10
N ASP A 175 35.99 -30.84 -16.71
CA ASP A 175 34.75 -30.97 -17.46
C ASP A 175 33.53 -30.39 -16.72
N ARG A 176 33.76 -29.61 -15.67
CA ARG A 176 32.66 -28.90 -14.98
C ARG A 176 32.34 -27.47 -15.44
N HIS A 177 32.04 -27.29 -16.73
CA HIS A 177 31.59 -26.00 -17.25
C HIS A 177 30.27 -25.53 -16.67
N ASP A 178 30.25 -24.31 -16.11
CA ASP A 178 29.05 -23.80 -15.47
C ASP A 178 28.52 -22.50 -16.11
N PRO A 179 27.43 -22.58 -16.90
CA PRO A 179 26.94 -21.36 -17.57
C PRO A 179 26.52 -20.26 -16.62
N LEU A 180 25.97 -20.63 -15.48
CA LEU A 180 25.61 -19.66 -14.45
C LEU A 180 26.79 -18.90 -13.89
N ALA A 181 27.88 -19.60 -13.55
CA ALA A 181 29.11 -18.95 -13.06
C ALA A 181 29.68 -17.99 -14.11
N ASP A 182 29.84 -18.46 -15.37
CA ASP A 182 30.36 -17.59 -16.43
C ASP A 182 29.49 -16.31 -16.56
N TRP A 183 28.18 -16.48 -16.64
CA TRP A 183 27.29 -15.31 -16.88
C TRP A 183 27.44 -14.32 -15.78
N LEU A 184 27.22 -14.78 -14.55
CA LEU A 184 27.26 -13.91 -13.38
C LEU A 184 28.66 -13.37 -13.00
N ALA A 185 29.74 -14.11 -13.24
CA ALA A 185 31.08 -13.49 -13.18
C ALA A 185 31.17 -12.35 -14.19
N THR A 186 30.67 -12.56 -15.42
CA THR A 186 30.71 -11.51 -16.45
C THR A 186 29.81 -10.34 -16.02
N LYS A 187 28.57 -10.65 -15.61
CA LYS A 187 27.68 -9.65 -15.01
C LYS A 187 28.34 -8.77 -13.91
N GLY A 188 29.03 -9.43 -12.97
CA GLY A 188 29.62 -8.73 -11.84
C GLY A 188 30.90 -7.97 -12.14
N GLU A 189 31.56 -8.34 -13.23
CA GLU A 189 32.94 -7.91 -13.40
C GLU A 189 33.17 -6.39 -13.62
N PRO A 190 32.30 -5.68 -14.39
CA PRO A 190 32.45 -4.23 -14.40
C PRO A 190 32.38 -3.60 -13.00
N HIS A 191 31.88 -4.33 -12.01
CA HIS A 191 31.44 -3.71 -10.77
C HIS A 191 32.30 -4.16 -9.63
N GLY A 192 33.27 -5.01 -9.95
CA GLY A 192 34.22 -5.55 -8.99
C GLY A 192 33.53 -6.55 -8.08
N VAL A 193 32.57 -7.29 -8.64
CA VAL A 193 31.88 -8.32 -7.92
C VAL A 193 32.30 -9.67 -8.48
N ALA A 194 32.90 -10.50 -7.64
CA ALA A 194 33.43 -11.82 -8.05
C ALA A 194 32.33 -12.86 -7.90
N PHE A 195 32.30 -13.86 -8.76
CA PHE A 195 31.31 -14.91 -8.64
C PHE A 195 31.36 -15.68 -7.35
N THR A 196 30.20 -15.89 -6.73
CA THR A 196 30.04 -16.79 -5.60
C THR A 196 28.65 -17.30 -5.77
N GLU A 197 28.36 -18.48 -5.21
CA GLU A 197 27.06 -19.13 -5.39
C GLU A 197 25.95 -18.27 -4.84
N SER A 198 26.31 -17.32 -3.98
CA SER A 198 25.27 -16.53 -3.37
C SER A 198 24.58 -15.64 -4.41
N LEU A 199 25.30 -15.33 -5.50
CA LEU A 199 24.76 -14.59 -6.64
C LEU A 199 23.69 -15.37 -7.38
N VAL A 200 23.76 -16.70 -7.34
CA VAL A 200 22.84 -17.53 -8.03
C VAL A 200 21.56 -17.57 -7.22
N THR A 201 21.63 -17.61 -5.90
CA THR A 201 20.43 -17.94 -5.09
C THR A 201 20.17 -17.11 -3.87
N GLY A 202 20.97 -16.08 -3.68
CA GLY A 202 20.70 -15.16 -2.59
C GLY A 202 21.53 -15.49 -1.36
N THR A 203 21.74 -14.50 -0.49
CA THR A 203 22.26 -14.75 0.88
C THR A 203 21.21 -15.65 1.51
N THR A 204 19.95 -15.39 1.22
CA THR A 204 18.88 -16.28 1.59
C THR A 204 17.72 -16.13 0.61
N THR A 205 16.75 -17.05 0.66
CA THR A 205 15.59 -17.07 -0.23
C THR A 205 14.26 -16.91 0.55
N LEU A 206 13.31 -16.20 -0.04
CA LEU A 206 11.98 -16.07 0.55
C LEU A 206 10.92 -16.73 -0.33
N ALA A 207 10.18 -17.66 0.25
CA ALA A 207 9.22 -18.44 -0.50
C ALA A 207 7.87 -17.81 -0.41
N VAL A 208 7.07 -18.00 -1.42
CA VAL A 208 5.67 -17.53 -1.36
C VAL A 208 4.70 -18.69 -1.42
N ALA A 209 5.17 -19.87 -1.87
CA ALA A 209 4.29 -21.06 -1.94
C ALA A 209 4.29 -21.71 -0.56
N PRO A 210 3.14 -22.25 -0.11
CA PRO A 210 3.14 -23.04 1.15
C PRO A 210 4.08 -24.27 1.05
N PRO A 211 4.70 -24.74 2.17
CA PRO A 211 5.67 -25.87 2.08
C PRO A 211 5.11 -27.17 1.49
N TRP A 212 3.83 -27.42 1.60
CA TRP A 212 3.31 -28.71 1.15
C TRP A 212 3.21 -28.85 -0.35
N MET A 213 3.48 -27.79 -1.10
CA MET A 213 3.43 -27.88 -2.55
C MET A 213 4.81 -27.60 -3.11
N SER A 214 5.79 -27.42 -2.22
CA SER A 214 7.09 -26.93 -2.64
C SER A 214 8.07 -28.03 -2.94
N PHE A 215 9.20 -27.67 -3.53
CA PHE A 215 10.18 -28.65 -3.94
C PHE A 215 11.06 -28.88 -2.75
N PRO A 216 11.54 -30.10 -2.58
CA PRO A 216 12.60 -30.31 -1.56
C PRO A 216 13.73 -29.32 -1.86
N SER A 217 14.40 -28.74 -0.87
CA SER A 217 15.50 -27.84 -1.23
C SER A 217 16.68 -28.15 -0.35
N GLU A 218 17.90 -27.91 -0.82
CA GLU A 218 19.09 -28.13 0.03
C GLU A 218 19.29 -27.06 1.06
N GLN A 219 18.89 -25.82 0.79
CA GLN A 219 18.91 -24.75 1.78
C GLN A 219 17.48 -24.46 2.23
N PRO A 220 17.26 -24.07 3.49
CA PRO A 220 15.84 -23.71 3.68
C PRO A 220 15.56 -22.29 3.13
N ALA A 221 14.30 -21.97 2.95
CA ALA A 221 13.93 -20.64 2.51
C ALA A 221 13.15 -20.13 3.68
N LEU A 222 13.05 -18.82 3.83
CA LEU A 222 12.08 -18.34 4.78
C LEU A 222 10.73 -18.71 4.18
N SER A 223 9.80 -19.04 5.07
CA SER A 223 8.51 -19.41 4.67
C SER A 223 7.62 -18.20 5.00
N MET A 224 6.48 -18.05 4.33
CA MET A 224 5.66 -16.88 4.54
C MET A 224 4.23 -17.16 4.19
N ARG A 225 3.30 -16.61 4.93
CA ARG A 225 1.92 -16.66 4.57
C ARG A 225 1.71 -15.55 3.50
N HIS A 226 1.83 -15.95 2.24
CA HIS A 226 1.85 -15.02 1.11
C HIS A 226 0.55 -14.34 0.92
N LEU A 227 0.63 -13.01 0.94
CA LEU A 227 -0.47 -12.13 0.61
C LEU A 227 -0.47 -11.84 -0.92
N PRO A 228 -1.54 -12.23 -1.63
CA PRO A 228 -1.49 -12.12 -3.09
C PRO A 228 -2.06 -10.74 -3.43
N PHE A 229 -1.29 -9.82 -4.01
CA PHE A 229 -1.84 -8.45 -4.23
C PHE A 229 -2.39 -8.43 -5.64
N ASN A 230 -3.62 -8.00 -5.75
CA ASN A 230 -4.35 -8.16 -7.02
C ASN A 230 -4.43 -6.87 -7.88
N GLY A 231 -3.56 -5.88 -7.61
CA GLY A 231 -3.54 -4.59 -8.32
C GLY A 231 -4.72 -3.70 -7.94
N PRO A 232 -5.00 -2.63 -8.75
CA PRO A 232 -6.06 -1.67 -8.52
C PRO A 232 -7.37 -2.36 -8.24
N ALA A 233 -8.12 -1.98 -7.20
CA ALA A 233 -9.35 -2.77 -6.90
C ALA A 233 -10.58 -1.95 -6.48
N VAL A 234 -11.66 -2.08 -7.21
CA VAL A 234 -12.89 -1.37 -6.79
C VAL A 234 -14.03 -2.42 -6.67
N LEU A 235 -14.80 -2.39 -5.57
CA LEU A 235 -15.95 -3.23 -5.41
C LEU A 235 -17.08 -2.81 -6.34
N PRO A 236 -17.44 -3.68 -7.31
CA PRO A 236 -18.53 -3.16 -8.10
C PRO A 236 -19.87 -3.36 -7.34
N ASP A 237 -20.87 -2.59 -7.74
CA ASP A 237 -22.17 -2.55 -7.05
C ASP A 237 -22.85 -3.91 -7.03
N TRP A 238 -22.79 -4.62 -8.16
CA TRP A 238 -23.43 -5.90 -8.26
C TRP A 238 -22.90 -6.82 -7.23
N LEU A 239 -21.64 -6.62 -6.84
CA LEU A 239 -21.02 -7.51 -5.82
C LEU A 239 -21.45 -7.20 -4.41
N ARG A 240 -22.22 -6.14 -4.22
CA ARG A 240 -22.67 -5.75 -2.90
C ARG A 240 -23.81 -6.69 -2.43
N GLU A 241 -24.42 -7.40 -3.41
CA GLU A 241 -25.40 -8.51 -3.21
C GLU A 241 -24.96 -9.70 -2.39
N ALA A 242 -25.76 -10.06 -1.38
CA ALA A 242 -25.73 -11.44 -0.90
C ALA A 242 -26.12 -12.26 -2.14
N PRO A 243 -25.39 -13.36 -2.40
CA PRO A 243 -25.76 -14.11 -3.60
C PRO A 243 -27.03 -14.98 -3.33
N SER A 244 -27.84 -15.28 -4.34
CA SER A 244 -28.97 -16.19 -4.10
C SER A 244 -28.59 -17.68 -4.19
N ARG A 245 -27.46 -18.01 -4.82
CA ARG A 245 -26.88 -19.35 -4.76
C ARG A 245 -25.35 -19.36 -4.70
N PRO A 246 -24.71 -20.50 -5.04
CA PRO A 246 -23.27 -20.37 -5.10
C PRO A 246 -22.84 -19.72 -6.41
N ARG A 247 -21.65 -19.13 -6.34
CA ARG A 247 -21.12 -18.31 -7.36
C ARG A 247 -19.84 -19.03 -7.80
N VAL A 248 -19.57 -18.97 -9.09
CA VAL A 248 -18.40 -19.58 -9.68
C VAL A 248 -17.63 -18.45 -10.34
N CYS A 249 -16.32 -18.50 -10.24
CA CYS A 249 -15.50 -17.52 -10.91
C CYS A 249 -14.68 -18.24 -11.98
N LEU A 250 -14.75 -17.70 -13.19
CA LEU A 250 -14.12 -18.24 -14.37
C LEU A 250 -13.08 -17.22 -14.91
N THR A 251 -11.79 -17.48 -14.71
CA THR A 251 -10.75 -16.61 -15.28
C THR A 251 -9.84 -17.42 -16.17
N LEU A 252 -10.37 -17.67 -17.38
CA LEU A 252 -9.74 -18.49 -18.42
C LEU A 252 -9.79 -17.82 -19.81
N GLY A 253 -10.01 -16.51 -19.85
CA GLY A 253 -9.98 -15.74 -21.08
C GLY A 253 -8.87 -16.10 -22.08
N LEU A 254 -7.61 -16.10 -21.64
CA LEU A 254 -6.46 -16.36 -22.53
C LEU A 254 -6.45 -17.81 -23.10
N THR A 255 -6.75 -18.78 -22.24
CA THR A 255 -6.71 -20.20 -22.58
C THR A 255 -7.86 -20.59 -23.54
N LEU A 256 -9.06 -20.10 -23.23
CA LEU A 256 -10.24 -20.40 -24.03
C LEU A 256 -10.13 -19.72 -25.42
N ARG A 257 -9.64 -18.47 -25.46
CA ARG A 257 -9.40 -17.72 -26.71
C ARG A 257 -8.30 -18.34 -27.57
N GLU A 258 -7.40 -19.11 -26.94
CA GLU A 258 -6.34 -19.86 -27.64
C GLU A 258 -6.78 -21.25 -28.11
N LEU A 259 -7.93 -21.71 -27.61
CA LEU A 259 -8.31 -23.10 -27.79
C LEU A 259 -9.82 -23.23 -28.06
N ASN A 263 -15.00 -26.15 -35.04
CA ASN A 263 -15.83 -27.15 -34.38
C ASN A 263 -16.54 -26.58 -33.16
N VAL A 264 -15.81 -26.45 -32.05
CA VAL A 264 -16.36 -25.84 -30.80
C VAL A 264 -15.84 -24.41 -30.53
N THR A 265 -16.81 -23.53 -30.28
CA THR A 265 -16.65 -22.08 -30.24
C THR A 265 -16.54 -21.63 -28.80
N LEU A 266 -15.88 -20.49 -28.57
CA LEU A 266 -15.85 -19.88 -27.25
C LEU A 266 -17.24 -19.96 -26.56
N ALA A 267 -18.29 -19.61 -27.28
CA ALA A 267 -19.66 -19.68 -26.77
C ALA A 267 -20.09 -21.09 -26.41
N ASP A 268 -19.51 -22.09 -27.09
CA ASP A 268 -19.69 -23.50 -26.71
C ASP A 268 -19.18 -23.73 -25.30
N PHE A 269 -17.98 -23.21 -25.02
CA PHE A 269 -17.41 -23.34 -23.66
C PHE A 269 -18.22 -22.61 -22.61
N VAL A 270 -18.55 -21.36 -22.90
CA VAL A 270 -19.29 -20.52 -21.97
C VAL A 270 -20.58 -21.23 -21.61
N ASN A 271 -21.21 -21.79 -22.64
CA ASN A 271 -22.52 -22.44 -22.46
C ASN A 271 -22.48 -23.64 -21.53
N ALA A 272 -21.49 -24.50 -21.76
CA ALA A 272 -21.28 -25.69 -20.98
C ALA A 272 -20.88 -25.34 -19.55
N VAL A 273 -20.01 -24.34 -19.40
CA VAL A 273 -19.65 -23.85 -18.05
C VAL A 273 -20.91 -23.39 -17.28
N ALA A 274 -21.79 -22.65 -17.96
CA ALA A 274 -22.96 -22.00 -17.32
C ALA A 274 -24.05 -22.98 -16.96
N ASP A 275 -24.14 -24.04 -17.75
CA ASP A 275 -25.07 -25.13 -17.49
C ASP A 275 -24.76 -25.79 -16.12
N ILE A 276 -24.72 -25.00 -15.07
CA ILE A 276 -24.63 -25.51 -13.72
C ILE A 276 -25.63 -24.77 -12.88
N ASP A 277 -25.90 -25.32 -11.72
CA ASP A 277 -26.78 -24.71 -10.76
C ASP A 277 -25.98 -23.72 -9.92
N ALA A 278 -25.61 -22.60 -10.54
CA ALA A 278 -24.87 -21.53 -9.87
C ALA A 278 -24.66 -20.35 -10.82
N ASP A 279 -24.34 -19.16 -10.26
CA ASP A 279 -24.02 -17.94 -11.04
C ASP A 279 -22.56 -17.91 -11.39
N VAL A 280 -22.30 -17.54 -12.62
CA VAL A 280 -20.94 -17.51 -13.08
C VAL A 280 -20.50 -16.05 -13.27
N VAL A 281 -19.32 -15.75 -12.76
CA VAL A 281 -18.65 -14.48 -13.04
C VAL A 281 -17.39 -14.79 -13.83
N ALA A 282 -17.31 -14.24 -15.04
CA ALA A 282 -16.25 -14.54 -15.98
C ALA A 282 -15.47 -13.32 -16.44
N THR A 283 -14.15 -13.36 -16.34
CA THR A 283 -13.36 -12.29 -16.90
C THR A 283 -13.15 -12.54 -18.41
N PHE A 284 -13.52 -11.58 -19.23
CA PHE A 284 -13.45 -11.73 -20.69
C PHE A 284 -13.17 -10.36 -21.33
N SER A 285 -12.22 -10.38 -22.28
CA SER A 285 -12.03 -9.36 -23.38
C SER A 285 -13.15 -8.44 -23.76
N ALA A 286 -12.75 -7.28 -24.29
CA ALA A 286 -13.59 -6.51 -25.19
C ALA A 286 -13.98 -7.43 -26.36
N GLU A 287 -12.96 -7.87 -27.09
CA GLU A 287 -13.10 -8.82 -28.21
C GLU A 287 -13.98 -10.07 -27.89
N GLN A 288 -13.69 -10.76 -26.79
CA GLN A 288 -14.38 -12.04 -26.49
C GLN A 288 -15.85 -11.97 -26.15
N VAL A 289 -16.28 -10.93 -25.45
CA VAL A 289 -17.72 -10.77 -25.23
C VAL A 289 -18.47 -10.71 -26.60
N ALA A 290 -17.77 -10.21 -27.63
CA ALA A 290 -18.24 -10.23 -29.03
C ALA A 290 -18.71 -11.61 -29.50
N GLU A 291 -17.75 -12.51 -29.76
CA GLU A 291 -18.06 -13.87 -30.27
C GLU A 291 -18.46 -14.88 -29.22
N ILE A 292 -19.14 -14.43 -28.18
CA ILE A 292 -19.85 -15.36 -27.35
C ILE A 292 -21.30 -15.15 -27.76
N GLY A 293 -21.58 -13.92 -28.20
CA GLY A 293 -22.93 -13.52 -28.54
C GLY A 293 -23.74 -13.66 -27.29
N ASP A 294 -25.05 -13.86 -27.43
CA ASP A 294 -25.94 -13.81 -26.27
C ASP A 294 -25.39 -14.65 -25.09
N LEU A 295 -25.13 -13.99 -23.96
CA LEU A 295 -24.67 -14.65 -22.72
C LEU A 295 -25.80 -15.38 -22.02
N PRO A 296 -25.50 -16.59 -21.51
CA PRO A 296 -26.45 -17.29 -20.66
C PRO A 296 -26.90 -16.38 -19.51
N ASP A 297 -28.18 -16.46 -19.14
CA ASP A 297 -28.77 -15.66 -18.04
C ASP A 297 -28.05 -15.72 -16.68
N ASN A 298 -27.02 -16.57 -16.55
CA ASN A 298 -26.40 -16.81 -15.23
C ASN A 298 -24.87 -16.56 -15.24
N VAL A 299 -24.43 -15.88 -16.30
CA VAL A 299 -23.04 -15.59 -16.61
C VAL A 299 -22.89 -14.07 -16.78
N ARG A 300 -22.26 -13.41 -15.81
CA ARG A 300 -21.78 -12.04 -15.97
C ARG A 300 -20.33 -11.99 -16.47
N ALA A 301 -20.15 -11.33 -17.60
CA ALA A 301 -18.84 -11.04 -18.12
C ALA A 301 -18.44 -9.64 -17.70
N VAL A 302 -17.16 -9.50 -17.38
CA VAL A 302 -16.58 -8.39 -16.62
C VAL A 302 -15.15 -8.33 -17.19
N ASP A 303 -14.54 -7.16 -17.31
CA ASP A 303 -13.08 -7.10 -17.68
C ASP A 303 -12.16 -7.67 -16.59
N PHE A 304 -12.56 -7.52 -15.32
CA PHE A 304 -11.68 -7.73 -14.17
C PHE A 304 -12.57 -7.59 -12.95
N VAL A 305 -12.38 -8.45 -11.96
CA VAL A 305 -13.02 -8.28 -10.65
C VAL A 305 -11.95 -8.64 -9.60
N PRO A 306 -11.76 -7.78 -8.60
CA PRO A 306 -10.67 -8.13 -7.67
C PRO A 306 -11.03 -9.46 -7.00
N LEU A 307 -10.09 -10.38 -6.96
CA LEU A 307 -10.43 -11.74 -6.62
C LEU A 307 -10.77 -11.84 -5.13
N HIS A 308 -10.12 -11.02 -4.31
CA HIS A 308 -10.34 -10.97 -2.85
C HIS A 308 -11.71 -10.51 -2.47
N ALA A 309 -12.44 -9.84 -3.34
CA ALA A 309 -13.77 -9.36 -2.95
C ALA A 309 -14.84 -10.30 -3.49
N LEU A 310 -14.57 -10.94 -4.62
CA LEU A 310 -15.40 -12.00 -5.17
C LEU A 310 -15.31 -13.40 -4.45
N LEU A 311 -14.10 -13.87 -4.09
CA LEU A 311 -13.98 -15.31 -3.73
C LEU A 311 -14.71 -15.67 -2.47
N PRO A 312 -14.83 -14.72 -1.50
CA PRO A 312 -15.60 -15.06 -0.29
C PRO A 312 -17.03 -15.55 -0.54
N SER A 313 -17.59 -15.27 -1.72
CA SER A 313 -18.93 -15.74 -2.01
C SER A 313 -18.95 -16.91 -3.06
N CYS A 314 -17.78 -17.49 -3.36
CA CYS A 314 -17.65 -18.49 -4.47
C CYS A 314 -17.42 -19.92 -4.02
N ALA A 315 -18.11 -20.84 -4.70
CA ALA A 315 -17.97 -22.26 -4.45
C ALA A 315 -16.80 -22.83 -5.25
N ALA A 316 -16.37 -22.14 -6.31
CA ALA A 316 -15.36 -22.68 -7.19
C ALA A 316 -14.71 -21.57 -7.99
N ILE A 317 -13.42 -21.75 -8.28
CA ILE A 317 -12.70 -20.97 -9.30
C ILE A 317 -12.02 -21.88 -10.37
N VAL A 318 -12.18 -21.52 -11.64
CA VAL A 318 -11.69 -22.25 -12.78
C VAL A 318 -10.62 -21.33 -13.28
N HIS A 319 -9.36 -21.75 -13.37
CA HIS A 319 -8.34 -20.84 -13.82
C HIS A 319 -7.18 -21.58 -14.38
N HIS A 320 -6.13 -20.84 -14.74
CA HIS A 320 -4.89 -21.37 -15.38
C HIS A 320 -3.82 -21.86 -14.42
N GLY A 321 -4.06 -21.79 -13.13
CA GLY A 321 -3.09 -22.38 -12.19
C GLY A 321 -1.96 -21.46 -11.76
N GLY A 322 -2.08 -20.15 -12.05
CA GLY A 322 -1.05 -19.19 -11.69
C GLY A 322 -0.96 -18.91 -10.18
N GLY A 323 0.22 -18.48 -9.74
CA GLY A 323 0.50 -18.14 -8.35
C GLY A 323 -0.45 -17.13 -7.71
N GLY A 324 -0.85 -16.06 -8.40
CA GLY A 324 -1.69 -15.07 -7.64
C GLY A 324 -3.07 -15.57 -7.40
N THR A 325 -3.66 -16.08 -8.46
CA THR A 325 -4.99 -16.64 -8.42
C THR A 325 -5.06 -17.80 -7.41
N ARG A 326 -4.07 -18.71 -7.44
CA ARG A 326 -4.17 -19.90 -6.61
C ARG A 326 -3.97 -19.49 -5.16
N THR A 327 -3.07 -18.53 -4.94
CA THR A 327 -2.86 -18.03 -3.57
C THR A 327 -4.14 -17.40 -3.06
N ASN A 328 -4.88 -16.74 -3.95
CA ASN A 328 -6.23 -16.23 -3.57
C ASN A 328 -7.19 -17.43 -3.17
N ALA A 329 -7.18 -18.50 -3.96
CA ALA A 329 -8.04 -19.65 -3.67
C ALA A 329 -7.58 -20.28 -2.30
N ILE A 330 -6.28 -20.34 -2.03
CA ILE A 330 -5.80 -20.84 -0.72
C ILE A 330 -6.46 -19.98 0.37
N ARG A 331 -6.24 -18.67 0.28
CA ARG A 331 -6.59 -17.75 1.32
C ARG A 331 -8.05 -17.71 1.63
N TYR A 332 -8.92 -17.85 0.63
CA TYR A 332 -10.37 -17.88 0.86
C TYR A 332 -10.97 -19.29 0.91
N GLY A 333 -10.12 -20.32 0.93
CA GLY A 333 -10.61 -21.70 0.93
C GLY A 333 -11.50 -22.11 -0.21
N VAL A 334 -11.11 -21.88 -1.47
CA VAL A 334 -12.02 -22.09 -2.60
C VAL A 334 -11.48 -23.24 -3.42
N PRO A 335 -12.36 -24.26 -3.72
CA PRO A 335 -12.03 -25.36 -4.64
C PRO A 335 -11.72 -24.86 -6.03
N GLN A 336 -10.71 -25.45 -6.66
CA GLN A 336 -10.29 -25.03 -7.97
C GLN A 336 -10.49 -26.07 -9.05
N LEU A 337 -10.93 -25.61 -10.23
CA LEU A 337 -10.76 -26.38 -11.45
C LEU A 337 -9.62 -25.70 -12.19
N ILE A 338 -8.55 -26.44 -12.37
CA ILE A 338 -7.36 -25.89 -12.95
C ILE A 338 -7.13 -26.48 -14.35
N VAL A 339 -6.85 -25.60 -15.30
CA VAL A 339 -6.53 -25.98 -16.67
C VAL A 339 -5.15 -25.38 -16.75
N PRO A 340 -4.11 -26.18 -16.41
CA PRO A 340 -2.80 -25.60 -16.20
C PRO A 340 -2.13 -25.13 -17.45
N ASN A 341 -1.60 -23.91 -17.34
CA ASN A 341 -0.61 -23.26 -18.16
C ASN A 341 0.73 -23.92 -18.47
N TRP A 342 1.34 -24.62 -17.52
CA TRP A 342 2.78 -25.01 -17.71
C TRP A 342 3.74 -23.86 -18.16
N LEU A 343 3.58 -22.66 -17.60
CA LEU A 343 4.47 -21.53 -17.92
C LEU A 343 5.56 -21.35 -16.87
N TRP A 344 5.32 -21.83 -15.65
CA TRP A 344 6.38 -21.82 -14.63
C TRP A 344 6.26 -23.08 -13.77
N ASP A 345 5.11 -23.25 -13.13
CA ASP A 345 4.94 -24.38 -12.21
C ASP A 345 3.49 -24.77 -12.13
N GLU A 346 2.67 -24.32 -13.08
CA GLU A 346 1.25 -24.50 -12.90
C GLU A 346 0.85 -25.95 -12.86
N GLY A 347 1.60 -26.78 -13.58
CA GLY A 347 1.19 -28.19 -13.75
C GLY A 347 1.52 -29.08 -12.53
N TYR A 348 2.75 -29.00 -12.01
CA TYR A 348 3.12 -29.53 -10.69
C TYR A 348 2.15 -29.06 -9.61
N VAL A 349 2.05 -27.73 -9.44
CA VAL A 349 1.11 -27.18 -8.45
C VAL A 349 -0.33 -27.66 -8.65
N ALA A 350 -0.84 -27.75 -9.87
CA ALA A 350 -2.23 -28.27 -10.03
C ALA A 350 -2.34 -29.75 -9.56
N GLU A 351 -1.34 -30.59 -9.89
CA GLU A 351 -1.32 -31.98 -9.40
C GLU A 351 -1.34 -32.07 -7.85
N ARG A 352 -0.44 -31.34 -7.18
CA ARG A 352 -0.48 -31.14 -5.69
C ARG A 352 -1.84 -30.76 -5.15
N PHE A 353 -2.44 -29.71 -5.72
CA PHE A 353 -3.79 -29.32 -5.29
C PHE A 353 -4.69 -30.53 -5.43
N ALA A 354 -4.66 -31.16 -6.61
CA ALA A 354 -5.46 -32.40 -6.88
C ALA A 354 -5.11 -33.57 -5.95
N GLU A 355 -3.83 -33.77 -5.66
CA GLU A 355 -3.51 -34.89 -4.76
C GLU A 355 -4.11 -34.61 -3.37
N ARG A 356 -4.09 -33.37 -2.89
CA ARG A 356 -4.73 -33.01 -1.58
C ARG A 356 -6.23 -32.95 -1.63
N GLY A 357 -6.79 -33.14 -2.81
CA GLY A 357 -8.24 -33.28 -2.94
C GLY A 357 -8.98 -31.96 -2.94
N ALA A 358 -8.27 -30.85 -3.18
CA ALA A 358 -8.94 -29.50 -3.25
C ALA A 358 -9.19 -28.98 -4.68
N ALA A 359 -8.80 -29.75 -5.68
CA ALA A 359 -8.90 -29.31 -7.05
C ALA A 359 -9.24 -30.51 -7.98
N LEU A 360 -9.82 -30.22 -9.15
CA LEU A 360 -9.88 -31.14 -10.30
C LEU A 360 -9.13 -30.47 -11.46
N VAL A 361 -8.49 -31.29 -12.30
CA VAL A 361 -7.51 -30.78 -13.27
C VAL A 361 -7.89 -31.26 -14.65
N THR A 362 -7.75 -30.41 -15.65
CA THR A 362 -8.05 -30.78 -17.03
C THR A 362 -6.98 -30.09 -17.81
N GLU A 363 -6.07 -30.90 -18.34
CA GLU A 363 -4.97 -30.45 -19.14
C GLU A 363 -5.54 -29.94 -20.47
N VAL A 364 -4.89 -28.94 -21.06
CA VAL A 364 -5.40 -28.24 -22.26
C VAL A 364 -5.67 -29.22 -23.44
N PRO A 365 -4.75 -30.16 -23.75
CA PRO A 365 -5.11 -31.17 -24.77
C PRO A 365 -6.47 -31.89 -24.55
N ASP A 366 -6.95 -31.98 -23.30
CA ASP A 366 -8.17 -32.73 -22.91
C ASP A 366 -9.36 -31.87 -22.65
N LEU A 367 -9.16 -30.57 -22.85
CA LEU A 367 -10.19 -29.56 -22.59
C LEU A 367 -11.36 -29.64 -23.56
N THR A 368 -12.56 -29.93 -23.06
CA THR A 368 -13.76 -29.81 -23.88
C THR A 368 -14.86 -29.22 -23.04
N PRO A 369 -15.81 -28.53 -23.70
CA PRO A 369 -16.86 -27.87 -22.96
C PRO A 369 -17.51 -28.79 -21.95
N ASP A 370 -17.78 -30.03 -22.36
CA ASP A 370 -18.42 -30.95 -21.47
C ASP A 370 -17.58 -31.32 -20.28
N ARG A 371 -16.26 -31.40 -20.48
CA ARG A 371 -15.43 -31.78 -19.37
C ARG A 371 -15.35 -30.66 -18.30
N LEU A 372 -15.18 -29.41 -18.77
CA LEU A 372 -15.21 -28.24 -17.87
C LEU A 372 -16.44 -28.25 -17.02
N ARG A 373 -17.59 -28.31 -17.69
CA ARG A 373 -18.86 -28.40 -17.00
C ARG A 373 -18.89 -29.48 -15.91
N ASP A 374 -18.44 -30.69 -16.22
CA ASP A 374 -18.67 -31.82 -15.31
C ASP A 374 -17.77 -31.82 -14.07
N GLN A 375 -16.54 -31.33 -14.21
CA GLN A 375 -15.71 -31.18 -13.02
C GLN A 375 -16.28 -30.07 -12.16
N LEU A 376 -16.77 -29.02 -12.82
CA LEU A 376 -17.41 -27.88 -12.17
C LEU A 376 -18.61 -28.26 -11.32
N ARG A 377 -19.51 -29.07 -11.85
CA ARG A 377 -20.62 -29.60 -11.05
C ARG A 377 -20.10 -30.40 -9.85
N ARG A 378 -19.03 -31.19 -10.04
CA ARG A 378 -18.44 -31.96 -8.90
C ARG A 378 -17.96 -31.05 -7.78
N LEU A 379 -17.30 -29.96 -8.16
CA LEU A 379 -16.75 -28.99 -7.20
C LEU A 379 -17.84 -28.30 -6.36
N ILE A 380 -19.01 -28.06 -6.94
CA ILE A 380 -20.14 -27.50 -6.18
C ILE A 380 -20.78 -28.62 -5.34
N ALA A 381 -21.06 -29.76 -5.97
CA ALA A 381 -21.89 -30.78 -5.32
C ALA A 381 -21.16 -31.65 -4.28
N GLU A 382 -19.86 -31.90 -4.46
CA GLU A 382 -19.18 -32.82 -3.54
C GLU A 382 -18.45 -32.08 -2.42
N PRO A 383 -18.92 -32.24 -1.17
CA PRO A 383 -18.44 -31.47 -0.04
C PRO A 383 -16.98 -31.70 0.28
N SER A 384 -16.37 -32.78 -0.22
CA SER A 384 -14.94 -33.11 0.07
C SER A 384 -13.95 -32.05 -0.47
N PHE A 385 -14.28 -31.42 -1.61
CA PHE A 385 -13.38 -30.40 -2.20
C PHE A 385 -13.32 -29.10 -1.34
N LYS A 386 -14.49 -28.56 -0.96
CA LYS A 386 -14.54 -27.46 0.03
C LYS A 386 -13.78 -27.86 1.29
N ALA A 387 -13.93 -29.11 1.73
CA ALA A 387 -13.30 -29.52 2.99
C ALA A 387 -11.81 -29.60 2.81
N ALA A 388 -11.38 -30.01 1.64
CA ALA A 388 -9.94 -30.05 1.43
C ALA A 388 -9.37 -28.60 1.34
N ALA A 389 -10.14 -27.76 0.65
CA ALA A 389 -9.80 -26.34 0.39
C ALA A 389 -9.62 -25.63 1.75
N GLU A 390 -10.61 -25.77 2.63
CA GLU A 390 -10.55 -25.20 4.00
C GLU A 390 -9.39 -25.68 4.86
N GLN A 391 -9.02 -26.96 4.73
CA GLN A 391 -7.85 -27.49 5.41
C GLN A 391 -6.59 -26.82 4.91
N ILE A 392 -6.50 -26.65 3.58
CA ILE A 392 -5.33 -25.98 3.01
C ILE A 392 -5.27 -24.52 3.53
N GLN A 393 -6.41 -23.88 3.60
CA GLN A 393 -6.50 -22.57 4.24
C GLN A 393 -6.00 -22.44 5.73
N LYS A 394 -6.40 -23.40 6.59
CA LYS A 394 -5.86 -23.46 7.97
C LYS A 394 -4.37 -23.48 7.98
N GLU A 395 -3.78 -24.38 7.18
CA GLU A 395 -2.36 -24.55 7.22
C GLU A 395 -1.71 -23.34 6.59
N TYR A 396 -2.40 -22.65 5.67
CA TYR A 396 -1.86 -21.36 5.18
C TYR A 396 -1.90 -20.33 6.32
N ASP A 397 -3.01 -20.32 7.06
CA ASP A 397 -3.19 -19.33 8.15
C ASP A 397 -2.11 -19.37 9.17
N ALA A 398 -1.37 -20.50 9.28
CA ALA A 398 -0.31 -20.69 10.31
C ALA A 398 1.11 -20.36 9.86
N LEU A 399 1.29 -20.05 8.59
CA LEU A 399 2.62 -19.70 8.09
C LEU A 399 2.96 -18.35 8.66
N PRO A 400 4.24 -18.02 8.74
CA PRO A 400 4.63 -16.75 9.32
C PRO A 400 3.92 -15.52 8.67
N SER A 401 3.31 -14.68 9.51
CA SER A 401 2.68 -13.43 9.09
C SER A 401 3.69 -12.51 8.39
N LEU A 402 3.21 -11.46 7.71
CA LEU A 402 4.21 -10.54 7.10
C LEU A 402 5.05 -9.85 8.19
N THR A 403 4.47 -9.61 9.33
CA THR A 403 5.26 -8.94 10.40
C THR A 403 6.42 -9.86 10.84
N GLU A 404 6.13 -11.16 11.08
CA GLU A 404 7.24 -12.09 11.34
C GLU A 404 8.25 -11.97 10.27
N THR A 405 7.82 -11.97 9.01
CA THR A 405 8.81 -11.99 7.91
C THR A 405 9.72 -10.77 7.92
N VAL A 406 9.11 -9.61 8.20
CA VAL A 406 9.92 -8.33 8.40
C VAL A 406 11.04 -8.47 9.46
N GLY A 407 10.72 -9.09 10.60
CA GLY A 407 11.73 -9.44 11.68
C GLY A 407 12.80 -10.35 11.10
N GLU A 408 12.42 -11.36 10.34
CA GLU A 408 13.46 -12.18 9.70
C GLU A 408 14.34 -11.33 8.81
N LEU A 409 13.72 -10.42 8.04
CA LEU A 409 14.56 -9.67 7.11
C LEU A 409 15.41 -8.64 7.85
N VAL A 410 14.86 -7.99 8.89
CA VAL A 410 15.75 -7.25 9.83
C VAL A 410 16.95 -8.10 10.29
N ARG A 411 16.74 -9.36 10.74
CA ARG A 411 17.91 -10.21 11.17
C ARG A 411 18.88 -10.42 10.01
N VAL A 412 18.32 -10.69 8.83
CA VAL A 412 19.15 -10.98 7.65
C VAL A 412 20.10 -9.84 7.47
N ALA A 413 19.53 -8.63 7.58
CA ALA A 413 20.29 -7.43 7.33
C ALA A 413 21.31 -7.17 8.43
N GLU A 414 20.93 -7.49 9.65
CA GLU A 414 21.82 -7.20 10.79
C GLU A 414 23.11 -8.02 10.64
N ARG A 415 22.95 -9.30 10.32
CA ARG A 415 24.07 -10.22 10.12
C ARG A 415 25.09 -9.84 9.04
N GLY A 416 24.71 -9.02 8.06
CA GLY A 416 25.69 -8.46 7.08
C GLY A 416 26.24 -9.37 5.98
N MET B 1 -9.54 -10.12 10.82
CA MET B 1 -10.88 -9.47 11.03
C MET B 1 -11.17 -8.59 9.80
N ARG B 2 -12.39 -8.09 9.70
CA ARG B 2 -12.78 -7.22 8.61
C ARG B 2 -12.78 -5.80 9.21
N VAL B 3 -11.91 -4.93 8.68
CA VAL B 3 -11.92 -3.49 9.05
C VAL B 3 -12.54 -2.69 7.89
N LEU B 4 -13.64 -2.05 8.20
CA LEU B 4 -14.28 -1.14 7.32
C LEU B 4 -13.75 0.30 7.67
N MET B 5 -12.83 0.83 6.88
CA MET B 5 -12.38 2.23 7.04
C MET B 5 -13.21 3.16 6.17
N THR B 6 -13.48 4.39 6.63
CA THR B 6 -14.27 5.28 5.80
C THR B 6 -13.68 6.74 5.85
N VAL B 7 -13.62 7.43 4.71
CA VAL B 7 -13.16 8.83 4.68
C VAL B 7 -13.94 9.54 3.57
N PHE B 8 -14.31 10.81 3.77
CA PHE B 8 -14.89 11.64 2.72
C PHE B 8 -13.88 11.81 1.57
N ALA B 9 -14.38 12.10 0.37
CA ALA B 9 -13.50 12.30 -0.80
C ALA B 9 -12.55 13.52 -0.73
N ASN B 10 -11.35 13.28 -0.22
CA ASN B 10 -10.31 14.25 -0.06
C ASN B 10 -9.06 13.46 0.07
N ARG B 11 -8.11 13.76 -0.82
CA ARG B 11 -6.83 13.08 -0.81
C ARG B 11 -6.02 13.14 0.45
N SER B 12 -5.97 14.30 1.12
CA SER B 12 -5.21 14.43 2.37
C SER B 12 -5.81 13.63 3.49
N HIS B 13 -7.13 13.64 3.62
CA HIS B 13 -7.73 12.90 4.72
C HIS B 13 -7.60 11.42 4.40
N LEU B 14 -7.58 11.03 3.10
CA LEU B 14 -7.28 9.61 2.76
C LEU B 14 -5.88 9.19 3.16
N TYR B 15 -4.92 10.00 2.74
CA TYR B 15 -3.49 9.68 2.93
C TYR B 15 -3.25 9.54 4.41
N ASN B 16 -3.89 10.40 5.20
CA ASN B 16 -3.76 10.33 6.63
C ASN B 16 -3.96 8.84 7.14
N MET B 17 -4.84 8.09 6.49
CA MET B 17 -5.20 6.76 6.97
C MET B 17 -4.63 5.63 6.09
N VAL B 18 -3.86 6.00 5.06
CA VAL B 18 -3.28 4.98 4.15
C VAL B 18 -2.33 4.00 4.87
N PRO B 19 -1.33 4.52 5.62
CA PRO B 19 -0.38 3.62 6.24
C PRO B 19 -1.06 2.69 7.29
N LEU B 20 -1.96 3.21 8.12
CA LEU B 20 -2.73 2.31 9.02
C LEU B 20 -3.53 1.18 8.25
N ALA B 21 -4.13 1.53 7.13
CA ALA B 21 -4.81 0.57 6.30
C ALA B 21 -3.89 -0.50 5.87
N TRP B 22 -2.73 -0.11 5.39
CA TRP B 22 -1.75 -1.11 5.00
C TRP B 22 -1.15 -1.96 6.13
N ALA B 23 -0.89 -1.36 7.30
CA ALA B 23 -0.38 -2.13 8.51
C ALA B 23 -1.34 -3.25 8.85
N LEU B 24 -2.61 -2.91 8.90
CA LEU B 24 -3.71 -3.85 9.05
C LEU B 24 -3.77 -4.88 7.91
N THR B 25 -3.54 -4.44 6.66
CA THR B 25 -3.68 -5.35 5.56
C THR B 25 -2.53 -6.41 5.71
N THR B 26 -1.32 -5.97 6.04
CA THR B 26 -0.23 -6.93 6.06
C THR B 26 -0.12 -7.73 7.39
N ALA B 27 -0.84 -7.31 8.42
CA ALA B 27 -1.15 -8.13 9.59
C ALA B 27 -2.21 -9.18 9.23
N GLY B 28 -2.87 -9.06 8.07
CA GLY B 28 -3.73 -10.16 7.57
C GLY B 28 -5.22 -9.95 7.55
N HIS B 29 -5.67 -8.76 7.97
CA HIS B 29 -7.08 -8.41 7.96
C HIS B 29 -7.56 -7.94 6.61
N GLU B 30 -8.85 -8.10 6.39
CA GLU B 30 -9.53 -7.63 5.23
C GLU B 30 -9.92 -6.16 5.50
N VAL B 31 -9.36 -5.25 4.70
CA VAL B 31 -9.61 -3.80 4.82
C VAL B 31 -10.39 -3.22 3.61
N HIS B 32 -11.49 -2.60 3.89
CA HIS B 32 -12.20 -1.86 2.84
C HIS B 32 -12.07 -0.38 3.09
N ILE B 33 -11.74 0.39 2.05
CA ILE B 33 -11.76 1.91 2.19
C ILE B 33 -13.03 2.43 1.53
N ALA B 34 -13.99 2.86 2.31
CA ALA B 34 -15.25 3.37 1.70
C ALA B 34 -15.17 4.88 1.59
N SER B 35 -15.34 5.41 0.38
CA SER B 35 -15.38 6.86 0.13
C SER B 35 -16.32 7.16 -1.01
N HIS B 36 -16.62 8.45 -1.25
CA HIS B 36 -17.30 8.86 -2.47
C HIS B 36 -16.58 8.38 -3.71
N PRO B 37 -17.32 8.24 -4.83
CA PRO B 37 -16.69 7.71 -6.05
C PRO B 37 -15.53 8.53 -6.57
N ASP B 38 -15.54 9.85 -6.31
CA ASP B 38 -14.42 10.65 -6.75
C ASP B 38 -13.10 10.38 -6.01
N ASN B 39 -13.13 9.54 -4.98
CA ASN B 39 -11.87 9.21 -4.25
C ASN B 39 -11.40 7.84 -4.64
N VAL B 40 -12.12 7.13 -5.48
CA VAL B 40 -11.73 5.78 -5.83
C VAL B 40 -10.35 5.71 -6.47
N GLN B 41 -10.07 6.58 -7.42
CA GLN B 41 -8.80 6.51 -8.05
C GLN B 41 -7.68 6.73 -7.05
N ALA B 42 -7.84 7.71 -6.16
CA ALA B 42 -6.85 7.97 -5.11
C ALA B 42 -6.64 6.71 -4.24
N ILE B 43 -7.73 5.97 -3.99
CA ILE B 43 -7.65 4.82 -3.11
C ILE B 43 -6.85 3.74 -3.83
N SER B 44 -7.21 3.42 -5.09
CA SER B 44 -6.38 2.52 -5.88
C SER B 44 -4.94 2.92 -5.99
N ASP B 45 -4.68 4.20 -6.26
CA ASP B 45 -3.23 4.64 -6.38
C ASP B 45 -2.42 4.51 -5.08
N SER B 46 -3.15 4.21 -3.99
CA SER B 46 -2.54 3.95 -2.71
C SER B 46 -2.34 2.44 -2.48
N GLY B 47 -2.82 1.63 -3.41
CA GLY B 47 -2.73 0.19 -3.33
C GLY B 47 -3.79 -0.45 -2.46
N LEU B 48 -4.89 0.26 -2.22
CA LEU B 48 -5.95 -0.18 -1.32
C LEU B 48 -7.25 -0.50 -2.09
N THR B 49 -8.21 -1.10 -1.39
CA THR B 49 -9.46 -1.58 -2.00
C THR B 49 -10.55 -0.59 -1.70
N ALA B 50 -11.09 0.00 -2.75
CA ALA B 50 -12.05 1.05 -2.62
C ALA B 50 -13.42 0.45 -2.67
N VAL B 51 -14.29 0.89 -1.75
CA VAL B 51 -15.72 0.62 -1.79
C VAL B 51 -16.54 1.93 -2.02
N PRO B 52 -17.02 2.17 -3.26
CA PRO B 52 -17.63 3.49 -3.48
C PRO B 52 -18.95 3.65 -2.71
N VAL B 53 -19.17 4.82 -2.08
CA VAL B 53 -20.45 5.04 -1.34
C VAL B 53 -21.01 6.41 -1.63
N GLY B 54 -22.33 6.55 -1.69
CA GLY B 54 -22.91 7.84 -2.08
C GLY B 54 -22.49 8.30 -3.48
N ASN B 55 -22.62 9.61 -3.73
CA ASN B 55 -22.41 10.25 -5.03
C ASN B 55 -21.13 11.04 -4.93
N ASP B 56 -20.52 11.39 -6.06
CA ASP B 56 -19.35 12.24 -6.04
C ASP B 56 -19.46 13.37 -5.04
N LEU B 57 -18.37 13.66 -4.35
CA LEU B 57 -18.45 14.78 -3.43
C LEU B 57 -18.01 16.11 -4.02
N ASN B 58 -16.96 16.11 -4.85
CA ASN B 58 -16.43 17.32 -5.46
C ASN B 58 -16.20 18.51 -4.52
N ILE B 59 -15.53 18.32 -3.38
CA ILE B 59 -15.41 19.39 -2.33
C ILE B 59 -14.45 20.47 -2.76
N MET B 60 -13.59 20.17 -3.72
CA MET B 60 -12.79 21.25 -4.34
C MET B 60 -13.56 21.91 -5.52
N ALA B 61 -14.82 22.28 -5.23
CA ALA B 61 -15.74 22.98 -6.16
C ALA B 61 -17.02 23.46 -5.44
N ALA B 76 -17.34 34.51 11.96
CA ALA B 76 -17.03 34.34 13.37
C ALA B 76 -16.76 32.87 13.76
N LEU B 77 -17.42 31.90 13.12
CA LEU B 77 -17.51 30.53 13.70
C LEU B 77 -16.45 29.51 13.33
N THR B 78 -15.36 29.45 14.09
CA THR B 78 -14.32 28.47 13.84
C THR B 78 -14.07 27.49 14.97
N LEU B 79 -13.34 26.45 14.59
CA LEU B 79 -13.05 25.29 15.41
C LEU B 79 -11.61 25.40 15.94
N ASN B 80 -10.82 26.35 15.42
CA ASN B 80 -9.54 26.53 16.02
C ASN B 80 -9.53 27.65 17.09
N GLU B 81 -10.69 28.09 17.52
CA GLU B 81 -10.79 29.23 18.45
C GLU B 81 -10.36 28.76 19.84
N THR B 82 -9.32 29.36 20.40
CA THR B 82 -8.86 28.90 21.70
C THR B 82 -8.84 30.04 22.72
N ARG B 83 -9.34 31.23 22.38
CA ARG B 83 -9.42 32.29 23.45
C ARG B 83 -10.51 31.93 24.44
N PRO B 84 -10.15 31.83 25.73
CA PRO B 84 -11.19 31.36 26.64
C PRO B 84 -12.45 32.23 26.69
N GLU B 85 -12.32 33.55 26.53
CA GLU B 85 -13.53 34.40 26.56
C GLU B 85 -14.47 34.16 25.37
N LYS B 86 -13.96 33.63 24.26
CA LYS B 86 -14.80 33.31 23.11
C LYS B 86 -15.51 31.98 23.24
N LEU B 87 -14.95 31.08 24.04
CA LEU B 87 -15.46 29.72 24.21
C LEU B 87 -16.58 29.67 25.19
N THR B 88 -17.61 30.45 24.95
CA THR B 88 -18.79 30.32 25.74
C THR B 88 -19.63 29.15 25.22
N TRP B 89 -20.58 28.70 26.04
CA TRP B 89 -21.64 27.81 25.60
C TRP B 89 -22.35 28.25 24.31
N GLN B 90 -22.70 29.55 24.15
CA GLN B 90 -23.42 29.92 22.96
C GLN B 90 -22.53 29.83 21.70
N TYR B 91 -21.26 30.17 21.84
CA TYR B 91 -20.38 30.06 20.69
C TYR B 91 -20.17 28.59 20.21
N ILE B 92 -19.80 27.70 21.13
CA ILE B 92 -19.64 26.28 20.80
C ILE B 92 -20.95 25.64 20.26
N HIS B 93 -22.08 26.01 20.85
CA HIS B 93 -23.36 25.60 20.39
C HIS B 93 -23.47 25.89 18.91
N ASP B 94 -23.21 27.15 18.56
CA ASP B 94 -23.38 27.64 17.19
C ASP B 94 -22.31 27.08 16.22
N VAL B 95 -21.13 26.78 16.71
CA VAL B 95 -20.11 26.13 15.89
C VAL B 95 -20.63 24.70 15.55
N PHE B 96 -21.17 24.02 16.55
CA PHE B 96 -21.79 22.69 16.35
C PHE B 96 -22.98 22.73 15.39
N ALA B 97 -23.85 23.73 15.56
CA ALA B 97 -24.99 23.83 14.63
C ALA B 97 -24.48 24.01 13.22
N GLN B 98 -23.45 24.82 13.04
CA GLN B 98 -22.98 25.10 11.69
C GLN B 98 -22.18 23.93 11.11
N TYR B 99 -21.32 23.30 11.92
CA TYR B 99 -20.51 22.26 11.34
C TYR B 99 -21.31 20.99 11.14
N SER B 100 -22.39 20.85 11.90
CA SER B 100 -23.25 19.68 11.73
C SER B 100 -23.83 19.70 10.29
N GLN B 101 -24.10 20.88 9.76
CA GLN B 101 -24.61 21.05 8.42
C GLN B 101 -23.52 20.79 7.38
N ILE B 102 -22.31 21.26 7.68
CA ILE B 102 -21.20 21.14 6.76
C ILE B 102 -20.79 19.65 6.71
N TYR B 103 -20.68 19.02 7.88
CA TYR B 103 -20.28 17.61 7.88
C TYR B 103 -21.34 16.65 7.28
N GLU B 104 -22.62 17.05 7.29
CA GLU B 104 -23.69 16.28 6.70
C GLU B 104 -23.50 16.30 5.20
N TYR B 105 -23.04 17.45 4.70
CA TYR B 105 -22.83 17.66 3.29
C TYR B 105 -21.72 16.73 2.79
N MET B 106 -20.75 16.54 3.68
CA MET B 106 -19.53 15.81 3.37
C MET B 106 -19.72 14.30 3.47
N ALA B 107 -20.83 13.84 4.09
CA ALA B 107 -21.12 12.41 4.20
C ALA B 107 -22.63 12.30 4.36
N ASP B 108 -23.33 12.46 3.23
CA ASP B 108 -24.72 12.81 3.22
C ASP B 108 -25.61 11.54 3.39
N SER B 109 -26.93 11.68 3.28
CA SER B 109 -27.86 10.52 3.49
C SER B 109 -27.64 9.35 2.53
N THR B 110 -27.28 9.64 1.28
CA THR B 110 -26.96 8.58 0.34
C THR B 110 -25.65 7.91 0.72
N MET B 111 -24.59 8.68 1.04
CA MET B 111 -23.33 8.05 1.44
C MET B 111 -23.52 7.19 2.67
N THR B 112 -24.23 7.77 3.64
CA THR B 112 -24.53 7.11 4.93
C THR B 112 -25.30 5.82 4.70
N ALA B 113 -26.37 5.89 3.94
CA ALA B 113 -27.19 4.69 3.57
C ALA B 113 -26.34 3.61 2.91
N ASP B 114 -25.54 4.01 1.91
CA ASP B 114 -24.58 3.07 1.31
C ASP B 114 -23.59 2.46 2.26
N LEU B 115 -23.05 3.26 3.17
CA LEU B 115 -22.10 2.75 4.13
C LEU B 115 -22.84 1.81 5.11
N VAL B 116 -24.05 2.18 5.57
CA VAL B 116 -24.87 1.27 6.44
C VAL B 116 -25.20 -0.05 5.69
N ALA B 117 -25.70 0.01 4.46
CA ALA B 117 -25.93 -1.23 3.71
C ALA B 117 -24.72 -2.12 3.63
N HIS B 118 -23.56 -1.57 3.28
CA HIS B 118 -22.29 -2.34 3.24
C HIS B 118 -21.87 -2.90 4.60
N ALA B 119 -22.07 -2.11 5.66
CA ALA B 119 -21.81 -2.58 7.01
C ALA B 119 -22.80 -3.76 7.32
N ARG B 120 -24.05 -3.62 6.98
CA ARG B 120 -25.00 -4.75 7.15
C ARG B 120 -24.50 -5.97 6.38
N GLN B 121 -24.27 -5.79 5.08
CA GLN B 121 -23.81 -6.89 4.24
C GLN B 121 -22.52 -7.51 4.71
N TRP B 122 -21.44 -6.72 4.81
CA TRP B 122 -20.08 -7.28 5.09
C TRP B 122 -19.81 -7.51 6.55
N GLN B 123 -20.66 -6.96 7.40
CA GLN B 123 -20.43 -7.04 8.89
C GLN B 123 -18.95 -6.94 9.44
N PRO B 124 -18.29 -5.74 9.35
CA PRO B 124 -16.89 -5.66 9.86
C PRO B 124 -16.72 -5.91 11.39
N ASP B 125 -15.55 -6.35 11.86
CA ASP B 125 -15.28 -6.42 13.30
C ASP B 125 -14.86 -5.07 13.89
N LEU B 126 -14.40 -4.14 13.02
CA LEU B 126 -14.07 -2.77 13.45
C LEU B 126 -14.35 -1.77 12.37
N VAL B 127 -15.00 -0.65 12.75
CA VAL B 127 -15.04 0.59 11.92
C VAL B 127 -14.02 1.69 12.35
N ILE B 128 -13.23 2.17 11.36
CA ILE B 128 -12.23 3.25 11.59
C ILE B 128 -12.62 4.37 10.67
N TRP B 129 -13.10 5.47 11.25
CA TRP B 129 -13.59 6.62 10.51
C TRP B 129 -12.79 7.89 10.68
N ASP B 130 -12.34 8.46 9.55
CA ASP B 130 -11.74 9.78 9.51
C ASP B 130 -12.60 10.74 10.33
N ALA B 131 -11.96 11.61 11.14
CA ALA B 131 -12.72 12.32 12.17
C ALA B 131 -13.76 13.28 11.57
N LEU B 132 -13.61 13.59 10.27
CA LEU B 132 -14.64 14.41 9.66
C LEU B 132 -15.75 13.63 8.91
N THR B 133 -15.77 12.30 9.04
CA THR B 133 -16.62 11.51 8.13
C THR B 133 -17.75 10.81 8.94
N TYR B 134 -18.85 11.52 9.16
CA TYR B 134 -19.82 11.06 10.18
C TYR B 134 -20.81 9.98 9.67
N ALA B 135 -20.72 9.62 8.39
CA ALA B 135 -21.36 8.38 7.98
C ALA B 135 -20.75 7.18 8.77
N GLY B 136 -19.49 7.29 9.19
CA GLY B 136 -18.76 6.20 9.88
C GLY B 136 -19.32 5.59 11.18
N PRO B 137 -19.58 6.42 12.21
CA PRO B 137 -20.03 5.83 13.52
C PRO B 137 -21.45 5.28 13.43
N ILE B 138 -22.26 5.85 12.54
CA ILE B 138 -23.60 5.41 12.31
C ILE B 138 -23.60 3.97 11.74
N ALA B 139 -22.72 3.74 10.76
CA ALA B 139 -22.68 2.45 10.08
C ALA B 139 -22.27 1.42 11.12
N ALA B 140 -21.36 1.83 11.98
CA ALA B 140 -20.75 0.94 12.96
C ALA B 140 -21.81 0.51 13.93
N GLU B 141 -22.72 1.43 14.22
CA GLU B 141 -23.58 1.22 15.35
C GLU B 141 -24.66 0.27 14.90
N ALA B 142 -25.08 0.43 13.64
CA ALA B 142 -26.10 -0.40 13.02
C ALA B 142 -25.84 -1.89 13.14
N VAL B 143 -24.62 -2.26 13.51
CA VAL B 143 -24.16 -3.62 13.50
C VAL B 143 -23.34 -3.95 14.78
N GLY B 144 -23.44 -3.06 15.78
CA GLY B 144 -22.72 -3.17 17.06
C GLY B 144 -21.23 -3.35 16.91
N ALA B 145 -20.63 -2.72 15.88
CA ALA B 145 -19.16 -2.90 15.80
C ALA B 145 -18.60 -1.78 16.62
N PRO B 146 -17.51 -2.02 17.35
CA PRO B 146 -16.84 -0.87 17.94
C PRO B 146 -16.30 0.07 16.78
N HIS B 147 -16.11 1.38 17.04
CA HIS B 147 -15.62 2.28 15.97
C HIS B 147 -14.58 3.24 16.52
N VAL B 148 -13.57 3.49 15.73
CA VAL B 148 -12.39 4.22 16.23
C VAL B 148 -12.28 5.47 15.38
N ARG B 149 -12.48 6.61 16.00
CA ARG B 149 -12.47 7.91 15.34
C ARG B 149 -10.99 8.29 15.14
N MET B 150 -10.58 8.40 13.87
CA MET B 150 -9.20 8.68 13.53
C MET B 150 -8.99 10.16 13.25
N LEU B 151 -8.13 10.78 14.04
CA LEU B 151 -7.78 12.21 13.88
C LEU B 151 -6.85 12.42 12.74
N PHE B 152 -6.81 13.64 12.24
CA PHE B 152 -5.88 13.97 11.14
C PHE B 152 -5.04 15.18 11.53
N GLY B 153 -5.17 15.63 12.78
CA GLY B 153 -4.31 16.66 13.37
C GLY B 153 -4.72 16.67 14.83
N LEU B 154 -4.71 17.85 15.44
CA LEU B 154 -5.21 18.01 16.80
C LEU B 154 -6.71 17.82 16.88
N ASP B 155 -7.17 17.41 18.05
CA ASP B 155 -8.58 17.11 18.24
C ASP B 155 -9.39 18.37 18.61
N GLN B 156 -9.43 19.33 17.68
CA GLN B 156 -10.25 20.55 17.83
C GLN B 156 -11.67 20.22 18.20
N TRP B 157 -12.23 19.21 17.55
CA TRP B 157 -13.62 18.91 17.82
C TRP B 157 -13.83 18.37 19.21
N GLY B 158 -12.98 17.46 19.65
CA GLY B 158 -13.15 16.94 21.04
C GLY B 158 -12.88 17.98 22.13
N ARG B 159 -11.81 18.77 21.94
CA ARG B 159 -11.54 19.96 22.82
C ARG B 159 -12.83 20.81 23.05
N MET B 160 -13.48 21.26 21.97
CA MET B 160 -14.73 21.99 22.06
C MET B 160 -15.86 21.12 22.69
N ARG B 161 -16.00 19.87 22.25
CA ARG B 161 -17.04 19.00 22.81
C ARG B 161 -16.91 18.87 24.34
N ASP B 162 -15.69 18.67 24.86
CA ASP B 162 -15.45 18.60 26.31
C ASP B 162 -15.84 19.96 26.96
N HIS B 163 -15.42 21.11 26.39
CA HIS B 163 -15.88 22.40 26.95
C HIS B 163 -17.39 22.39 26.98
N PHE B 164 -18.00 22.00 25.88
CA PHE B 164 -19.46 22.11 25.71
C PHE B 164 -20.21 21.20 26.68
N ASN B 165 -19.69 19.98 26.90
CA ASN B 165 -20.40 19.03 27.76
C ASN B 165 -20.30 19.48 29.24
N ARG B 166 -19.15 20.03 29.62
CA ARG B 166 -18.96 20.59 30.97
C ARG B 166 -19.92 21.73 31.17
N LEU B 167 -19.94 22.70 30.24
CA LEU B 167 -20.85 23.86 30.35
C LEU B 167 -22.33 23.46 30.40
N THR B 168 -22.74 22.56 29.50
CA THR B 168 -24.09 22.05 29.39
C THR B 168 -24.47 21.39 30.71
N GLY B 169 -23.54 20.66 31.32
CA GLY B 169 -23.79 19.93 32.57
C GLY B 169 -24.36 20.79 33.68
N GLU B 170 -24.20 22.09 33.59
CA GLU B 170 -24.64 22.89 34.69
C GLU B 170 -25.46 24.08 34.36
N ARG B 171 -26.06 24.08 33.16
CA ARG B 171 -27.17 24.96 32.86
C ARG B 171 -28.46 24.34 33.35
N ALA B 172 -29.55 25.11 33.32
CA ALA B 172 -30.91 24.61 33.58
C ALA B 172 -31.16 23.42 32.68
N ALA B 173 -31.91 22.43 33.17
CA ALA B 173 -32.19 21.20 32.40
C ALA B 173 -32.90 21.47 31.07
N ASP B 174 -33.76 22.47 31.06
CA ASP B 174 -34.44 22.88 29.86
C ASP B 174 -33.58 23.83 29.01
N ASP B 175 -32.31 23.98 29.36
CA ASP B 175 -31.46 24.96 28.67
C ASP B 175 -30.15 24.28 28.16
N ARG B 176 -30.35 23.23 27.39
CA ARG B 176 -29.29 22.27 27.06
C ARG B 176 -29.51 21.69 25.69
N HIS B 177 -29.85 22.56 24.76
CA HIS B 177 -29.88 22.19 23.36
C HIS B 177 -28.55 21.64 22.93
N ASP B 178 -28.55 20.47 22.30
CA ASP B 178 -27.34 19.91 21.75
C ASP B 178 -27.46 19.76 20.23
N PRO B 179 -26.86 20.68 19.45
CA PRO B 179 -27.02 20.48 17.99
C PRO B 179 -26.46 19.13 17.49
N LEU B 180 -25.40 18.62 18.14
CA LEU B 180 -24.79 17.35 17.71
C LEU B 180 -25.73 16.16 18.00
N ALA B 181 -26.44 16.21 19.14
CA ALA B 181 -27.44 15.21 19.49
C ALA B 181 -28.63 15.23 18.52
N ASP B 182 -29.12 16.42 18.17
CA ASP B 182 -30.16 16.57 17.20
C ASP B 182 -29.73 16.16 15.79
N TRP B 183 -28.53 16.54 15.37
CA TRP B 183 -27.96 16.08 14.07
C TRP B 183 -27.83 14.59 14.01
N LEU B 184 -27.10 14.02 14.98
CA LEU B 184 -26.76 12.61 14.86
C LEU B 184 -27.95 11.68 15.14
N ALA B 185 -28.89 12.06 16.01
CA ALA B 185 -30.19 11.36 16.12
C ALA B 185 -30.91 11.33 14.78
N THR B 186 -30.93 12.47 14.11
CA THR B 186 -31.50 12.52 12.78
C THR B 186 -30.75 11.62 11.79
N LYS B 187 -29.44 11.73 11.78
CA LYS B 187 -28.67 10.98 10.84
C LYS B 187 -28.86 9.45 11.06
N GLY B 188 -28.96 9.00 12.31
CA GLY B 188 -29.07 7.59 12.68
C GLY B 188 -30.47 6.94 12.55
N GLU B 189 -31.46 7.79 12.56
CA GLU B 189 -32.84 7.39 12.61
C GLU B 189 -33.31 6.45 11.45
N PRO B 190 -32.86 6.68 10.19
CA PRO B 190 -33.32 5.76 9.15
C PRO B 190 -32.76 4.37 9.34
N HIS B 191 -31.71 4.22 10.17
CA HIS B 191 -30.95 2.95 10.35
C HIS B 191 -31.09 2.36 11.70
N GLY B 192 -32.07 2.90 12.42
CA GLY B 192 -32.39 2.37 13.74
C GLY B 192 -31.28 2.76 14.72
N VAL B 193 -30.61 3.89 14.49
CA VAL B 193 -29.42 4.23 15.31
C VAL B 193 -29.75 5.34 16.22
N ALA B 194 -29.49 5.07 17.50
CA ALA B 194 -29.90 5.94 18.59
C ALA B 194 -28.74 6.88 18.90
N PHE B 195 -29.02 8.15 19.20
CA PHE B 195 -27.91 8.99 19.66
C PHE B 195 -27.28 8.54 20.94
N THR B 196 -25.96 8.39 20.95
CA THR B 196 -25.16 8.33 22.19
C THR B 196 -23.87 9.10 21.98
N GLU B 197 -23.29 9.64 23.04
CA GLU B 197 -22.06 10.42 22.93
C GLU B 197 -21.00 9.71 22.06
N SER B 198 -20.99 8.40 22.04
CA SER B 198 -20.00 7.70 21.25
C SER B 198 -20.21 7.91 19.74
N LEU B 199 -21.41 8.29 19.31
CA LEU B 199 -21.56 8.74 17.91
C LEU B 199 -20.75 10.02 17.63
N VAL B 200 -20.60 10.89 18.65
CA VAL B 200 -19.85 12.13 18.48
C VAL B 200 -18.38 11.89 18.38
N THR B 201 -17.82 10.97 19.19
CA THR B 201 -16.34 10.89 19.33
C THR B 201 -15.68 9.51 19.24
N GLY B 202 -16.50 8.48 19.05
CA GLY B 202 -16.00 7.14 18.73
C GLY B 202 -16.00 6.24 19.96
N THR B 203 -15.98 4.91 19.75
CA THR B 203 -15.80 4.01 20.88
C THR B 203 -14.55 4.50 21.48
N THR B 204 -13.54 4.79 20.64
CA THR B 204 -12.26 5.43 21.07
C THR B 204 -11.68 6.31 19.93
N THR B 205 -10.52 6.93 20.18
CA THR B 205 -9.95 7.94 19.28
C THR B 205 -8.54 7.54 19.03
N LEU B 206 -8.13 7.55 17.75
CA LEU B 206 -6.72 7.31 17.43
C LEU B 206 -6.12 8.64 17.07
N ALA B 207 -5.07 9.03 17.80
CA ALA B 207 -4.37 10.29 17.53
C ALA B 207 -3.22 10.14 16.52
N VAL B 208 -3.00 11.16 15.66
CA VAL B 208 -1.86 11.13 14.78
C VAL B 208 -0.72 12.09 15.23
N ALA B 209 -1.06 13.09 16.04
CA ALA B 209 -0.10 14.06 16.52
C ALA B 209 0.55 13.50 17.83
N PRO B 210 1.88 13.71 18.01
CA PRO B 210 2.58 13.27 19.21
C PRO B 210 1.91 13.81 20.47
N PRO B 211 1.84 12.99 21.54
CA PRO B 211 1.03 13.50 22.65
C PRO B 211 1.69 14.75 23.28
N TRP B 212 3.00 14.95 23.20
CA TRP B 212 3.54 16.23 23.78
C TRP B 212 2.89 17.48 23.28
N MET B 213 2.33 17.48 22.07
CA MET B 213 1.75 18.72 21.50
C MET B 213 0.21 18.67 21.44
N SER B 214 -0.39 17.63 22.03
CA SER B 214 -1.85 17.39 21.90
C SER B 214 -2.65 18.18 22.88
N PHE B 215 -3.95 18.38 22.60
CA PHE B 215 -4.83 18.94 23.64
C PHE B 215 -5.10 17.94 24.75
N PRO B 216 -5.20 18.41 26.02
CA PRO B 216 -5.71 17.47 27.06
C PRO B 216 -7.11 17.03 26.66
N SER B 217 -7.49 15.79 26.95
CA SER B 217 -8.80 15.28 26.63
C SER B 217 -9.42 14.60 27.86
N GLU B 218 -10.72 14.71 28.04
CA GLU B 218 -11.43 13.95 29.06
C GLU B 218 -11.80 12.54 28.53
N GLN B 219 -11.05 12.07 27.54
CA GLN B 219 -11.21 10.71 27.03
C GLN B 219 -9.88 10.12 26.61
N PRO B 220 -9.77 8.80 26.67
CA PRO B 220 -8.43 8.34 26.28
C PRO B 220 -8.29 8.42 24.75
N ALA B 221 -7.05 8.43 24.25
CA ALA B 221 -6.72 8.38 22.80
C ALA B 221 -5.58 7.40 22.65
N LEU B 222 -5.58 6.62 21.58
CA LEU B 222 -4.45 5.78 21.28
C LEU B 222 -3.49 6.76 20.61
N SER B 223 -2.23 6.69 20.98
CA SER B 223 -1.26 7.46 20.28
C SER B 223 -0.47 6.48 19.41
N MET B 224 0.29 7.00 18.46
CA MET B 224 0.87 6.22 17.37
C MET B 224 2.08 6.95 16.82
N ARG B 225 3.08 6.24 16.35
CA ARG B 225 4.11 6.87 15.56
C ARG B 225 3.53 7.02 14.12
N HIS B 226 2.82 8.12 13.89
CA HIS B 226 2.18 8.44 12.62
C HIS B 226 3.10 8.45 11.44
N LEU B 227 2.86 7.55 10.51
CA LEU B 227 3.62 7.51 9.28
C LEU B 227 2.83 8.41 8.26
N PRO B 228 3.44 9.53 7.82
CA PRO B 228 2.78 10.48 6.86
C PRO B 228 2.97 9.95 5.46
N PHE B 229 1.90 9.57 4.80
CA PHE B 229 2.03 8.98 3.44
C PHE B 229 2.02 10.21 2.46
N ASN B 230 2.96 10.28 1.54
CA ASN B 230 3.13 11.42 0.65
C ASN B 230 2.57 11.18 -0.72
N GLY B 231 1.87 10.06 -0.91
CA GLY B 231 1.19 9.77 -2.19
C GLY B 231 2.14 9.09 -3.16
N PRO B 232 1.69 8.90 -4.43
CA PRO B 232 2.47 8.40 -5.59
C PRO B 232 3.96 8.94 -5.62
N ALA B 233 4.96 8.11 -5.84
CA ALA B 233 6.34 8.62 -5.78
C ALA B 233 7.30 7.97 -6.74
N VAL B 234 7.92 8.79 -7.55
CA VAL B 234 8.93 8.38 -8.51
C VAL B 234 10.15 9.25 -8.21
N LEU B 235 11.29 8.67 -7.87
CA LEU B 235 12.46 9.46 -7.55
C LEU B 235 13.07 9.99 -8.81
N PRO B 236 13.31 11.32 -8.88
CA PRO B 236 13.89 11.83 -10.12
C PRO B 236 15.41 11.76 -10.05
N ASP B 237 16.07 11.82 -11.21
CA ASP B 237 17.49 11.69 -11.29
C ASP B 237 18.16 12.69 -10.37
N TRP B 238 17.64 13.90 -10.30
CA TRP B 238 18.41 14.93 -9.61
C TRP B 238 18.48 14.66 -8.11
N LEU B 239 17.41 14.10 -7.51
CA LEU B 239 17.42 13.72 -6.08
C LEU B 239 18.33 12.55 -5.77
N ARG B 240 18.81 11.87 -6.79
CA ARG B 240 19.46 10.59 -6.53
C ARG B 240 21.00 10.67 -6.49
N GLU B 241 21.54 11.81 -6.91
CA GLU B 241 22.98 12.09 -6.84
C GLU B 241 23.35 12.64 -5.49
N ALA B 242 24.64 12.69 -5.18
CA ALA B 242 25.13 13.16 -3.89
C ALA B 242 24.85 14.66 -3.74
N PRO B 243 24.42 15.08 -2.56
CA PRO B 243 24.24 16.53 -2.38
C PRO B 243 25.58 17.34 -2.32
N SER B 244 25.69 18.42 -3.10
CA SER B 244 26.93 19.18 -3.13
C SER B 244 27.05 20.13 -1.96
N ARG B 245 25.92 20.64 -1.48
CA ARG B 245 25.87 21.48 -0.26
C ARG B 245 24.51 21.40 0.47
N PRO B 246 24.37 22.05 1.62
CA PRO B 246 23.12 21.89 2.37
C PRO B 246 21.90 22.28 1.53
N ARG B 247 20.75 21.66 1.81
CA ARG B 247 19.49 21.91 1.06
C ARG B 247 18.37 22.40 1.94
N VAL B 248 17.46 23.17 1.35
CA VAL B 248 16.30 23.66 2.07
C VAL B 248 15.08 23.33 1.22
N CYS B 249 14.01 22.88 1.88
CA CYS B 249 12.76 22.58 1.20
C CYS B 249 11.79 23.73 1.37
N LEU B 250 11.23 24.20 0.28
CA LEU B 250 10.25 25.29 0.36
C LEU B 250 8.90 24.85 -0.21
N THR B 251 7.88 24.71 0.66
CA THR B 251 6.57 24.20 0.24
C THR B 251 5.52 25.13 0.84
N LEU B 252 5.37 26.27 0.19
CA LEU B 252 4.61 27.45 0.62
C LEU B 252 4.02 28.14 -0.65
N GLY B 253 3.99 27.39 -1.76
CA GLY B 253 3.46 27.85 -3.03
C GLY B 253 2.11 28.48 -2.85
N LEU B 254 1.21 27.78 -2.12
CA LEU B 254 -0.13 28.30 -1.92
C LEU B 254 -0.21 29.62 -1.14
N THR B 255 0.22 29.64 0.12
CA THR B 255 0.11 30.91 0.89
C THR B 255 0.87 32.10 0.24
N LEU B 256 1.92 31.84 -0.53
CA LEU B 256 2.67 32.93 -1.18
C LEU B 256 1.96 33.64 -2.32
N ARG B 257 1.35 32.86 -3.22
CA ARG B 257 0.57 33.39 -4.34
C ARG B 257 -0.80 33.86 -3.79
N GLU B 258 -0.76 34.66 -2.73
CA GLU B 258 -1.94 35.33 -2.20
C GLU B 258 -1.52 36.61 -1.47
N LEU B 259 -0.25 37.01 -1.63
CA LEU B 259 0.34 38.18 -0.92
C LEU B 259 1.40 38.93 -1.74
N ASN B 263 2.90 44.88 -4.85
CA ASN B 263 4.00 45.76 -4.45
C ASN B 263 5.15 45.11 -3.69
N VAL B 264 4.80 44.13 -2.86
CA VAL B 264 5.74 43.10 -2.43
C VAL B 264 5.39 41.88 -3.32
N THR B 265 6.35 41.44 -4.11
CA THR B 265 6.10 40.50 -5.20
C THR B 265 6.54 39.04 -4.87
N LEU B 266 5.97 38.08 -5.59
CA LEU B 266 6.32 36.67 -5.40
C LEU B 266 7.80 36.47 -5.72
N ALA B 267 8.31 37.16 -6.74
CA ALA B 267 9.75 37.11 -7.03
C ALA B 267 10.63 37.61 -5.85
N ASP B 268 10.15 38.67 -5.20
CA ASP B 268 10.84 39.21 -4.05
C ASP B 268 10.97 38.22 -2.91
N PHE B 269 9.89 37.47 -2.63
CA PHE B 269 9.90 36.46 -1.55
C PHE B 269 10.91 35.38 -1.90
N VAL B 270 10.91 34.95 -3.16
CA VAL B 270 11.80 33.91 -3.58
C VAL B 270 13.28 34.33 -3.56
N ASN B 271 13.61 35.47 -4.15
CA ASN B 271 14.97 36.08 -3.97
C ASN B 271 15.50 36.14 -2.55
N ALA B 272 14.70 36.63 -1.61
CA ALA B 272 15.20 36.71 -0.21
C ALA B 272 15.43 35.32 0.39
N VAL B 273 14.42 34.48 0.20
CA VAL B 273 14.41 33.14 0.76
C VAL B 273 15.60 32.35 0.18
N ALA B 274 15.89 32.57 -1.10
CA ALA B 274 17.05 31.91 -1.69
C ALA B 274 18.39 32.51 -1.30
N ASP B 275 18.40 33.67 -0.62
CA ASP B 275 19.63 34.38 -0.33
C ASP B 275 20.25 33.82 0.96
N ILE B 276 20.66 32.55 0.90
CA ILE B 276 21.10 31.82 2.11
C ILE B 276 22.15 30.80 1.69
N ASP B 277 22.85 30.22 2.62
CA ASP B 277 23.99 29.43 2.25
C ASP B 277 23.62 27.97 2.08
N ALA B 278 22.80 27.70 1.08
CA ALA B 278 22.24 26.39 0.75
C ALA B 278 21.49 26.41 -0.58
N ASP B 279 21.28 25.24 -1.17
CA ASP B 279 20.32 25.12 -2.30
C ASP B 279 18.86 25.06 -1.83
N VAL B 280 17.93 25.53 -2.65
CA VAL B 280 16.51 25.51 -2.31
C VAL B 280 15.80 24.59 -3.28
N VAL B 281 14.94 23.70 -2.74
CA VAL B 281 14.03 22.92 -3.60
C VAL B 281 12.66 23.42 -3.25
N ALA B 282 12.04 24.10 -4.19
CA ALA B 282 10.78 24.78 -3.94
C ALA B 282 9.70 24.16 -4.79
N THR B 283 8.54 23.85 -4.20
CA THR B 283 7.35 23.48 -4.97
C THR B 283 6.55 24.69 -5.45
N PHE B 284 6.48 24.84 -6.77
CA PHE B 284 5.70 25.87 -7.41
C PHE B 284 4.86 25.29 -8.54
N SER B 285 3.59 25.69 -8.66
CA SER B 285 2.77 25.42 -9.86
C SER B 285 3.38 26.05 -11.11
N ALA B 286 2.74 25.85 -12.25
CA ALA B 286 3.19 26.46 -13.52
C ALA B 286 2.96 27.96 -13.49
N GLU B 287 1.76 28.35 -13.08
CA GLU B 287 1.33 29.75 -12.86
C GLU B 287 2.27 30.54 -11.94
N GLN B 288 2.65 29.91 -10.82
CA GLN B 288 3.60 30.50 -9.87
C GLN B 288 4.96 30.74 -10.55
N VAL B 289 5.47 29.76 -11.29
CA VAL B 289 6.84 29.87 -11.82
C VAL B 289 6.95 30.98 -12.88
N ALA B 290 5.87 31.16 -13.64
CA ALA B 290 5.77 32.21 -14.65
C ALA B 290 5.76 33.59 -13.97
N GLU B 291 4.89 33.73 -12.96
CA GLU B 291 4.74 34.94 -12.17
C GLU B 291 6.02 35.36 -11.42
N ILE B 292 6.91 34.41 -11.12
CA ILE B 292 8.16 34.75 -10.43
C ILE B 292 9.28 35.10 -11.43
N GLY B 293 9.19 34.56 -12.64
CA GLY B 293 10.21 34.76 -13.67
C GLY B 293 11.54 34.13 -13.33
N ASP B 294 12.64 34.68 -13.83
CA ASP B 294 13.97 34.09 -13.56
C ASP B 294 14.10 33.68 -12.11
N LEU B 295 14.43 32.42 -11.90
CA LEU B 295 14.69 31.89 -10.56
C LEU B 295 16.14 32.14 -10.21
N PRO B 296 16.41 32.34 -8.92
CA PRO B 296 17.80 32.45 -8.49
C PRO B 296 18.59 31.21 -8.88
N ASP B 297 19.91 31.32 -8.82
CA ASP B 297 20.79 30.28 -9.31
C ASP B 297 20.55 28.98 -8.56
N ASN B 298 20.27 29.10 -7.27
CA ASN B 298 20.29 28.01 -6.33
C ASN B 298 18.89 27.48 -5.96
N VAL B 299 17.91 27.72 -6.82
CA VAL B 299 16.53 27.35 -6.60
C VAL B 299 16.10 26.37 -7.69
N ARG B 300 15.63 25.19 -7.31
CA ARG B 300 15.00 24.27 -8.25
C ARG B 300 13.51 24.31 -8.01
N ALA B 301 12.74 24.77 -8.99
CA ALA B 301 11.28 24.78 -8.89
C ALA B 301 10.80 23.42 -9.37
N VAL B 302 9.84 22.83 -8.68
CA VAL B 302 9.35 21.50 -9.01
C VAL B 302 7.86 21.57 -8.73
N ASP B 303 7.03 20.87 -9.48
CA ASP B 303 5.59 20.93 -9.12
C ASP B 303 5.30 20.08 -7.86
N PHE B 304 6.12 19.05 -7.60
CA PHE B 304 5.97 18.10 -6.47
C PHE B 304 7.34 17.41 -6.21
N VAL B 305 7.69 17.16 -4.94
CA VAL B 305 8.87 16.32 -4.62
C VAL B 305 8.55 15.42 -3.40
N PRO B 306 8.75 14.09 -3.49
CA PRO B 306 8.39 13.24 -2.33
C PRO B 306 9.22 13.60 -1.13
N LEU B 307 8.58 14.13 -0.09
CA LEU B 307 9.30 14.63 1.07
C LEU B 307 10.21 13.59 1.76
N HIS B 308 9.73 12.36 1.91
CA HIS B 308 10.58 11.27 2.51
C HIS B 308 11.85 11.02 1.74
N ALA B 309 11.86 11.29 0.43
CA ALA B 309 13.12 11.16 -0.34
C ALA B 309 13.98 12.40 -0.27
N LEU B 310 13.38 13.58 -0.13
CA LEU B 310 14.11 14.86 -0.05
C LEU B 310 14.65 15.20 1.34
N LEU B 311 13.82 15.10 2.36
CA LEU B 311 14.19 15.58 3.69
C LEU B 311 15.52 15.04 4.31
N PRO B 312 15.88 13.75 4.10
CA PRO B 312 17.16 13.26 4.69
C PRO B 312 18.34 14.18 4.35
N SER B 313 18.24 14.94 3.28
CA SER B 313 19.31 15.83 2.85
C SER B 313 19.11 17.32 3.15
N CYS B 314 18.04 17.70 3.85
CA CYS B 314 17.65 19.14 4.08
C CYS B 314 18.03 19.61 5.46
N ALA B 315 18.47 20.86 5.58
CA ALA B 315 18.76 21.50 6.89
C ALA B 315 17.52 22.18 7.44
N ALA B 316 16.60 22.61 6.55
CA ALA B 316 15.33 23.20 7.05
C ALA B 316 14.17 22.91 6.11
N ILE B 317 12.94 23.05 6.59
CA ILE B 317 11.80 23.06 5.66
C ILE B 317 10.91 24.25 6.01
N VAL B 318 10.56 25.01 4.99
CA VAL B 318 9.71 26.18 5.14
C VAL B 318 8.34 25.74 4.61
N HIS B 319 7.31 25.77 5.48
CA HIS B 319 5.96 25.31 5.06
C HIS B 319 4.86 25.93 5.90
N HIS B 320 3.62 25.63 5.54
CA HIS B 320 2.39 26.25 6.06
C HIS B 320 1.85 25.64 7.33
N GLY B 321 2.53 24.62 7.85
CA GLY B 321 2.18 24.05 9.18
C GLY B 321 1.18 22.88 9.20
N GLY B 322 0.77 22.40 8.02
CA GLY B 322 -0.13 21.26 7.90
C GLY B 322 0.46 19.94 8.42
N GLY B 323 -0.45 19.05 8.81
CA GLY B 323 -0.14 17.75 9.42
C GLY B 323 0.80 16.85 8.70
N GLY B 324 0.60 16.71 7.40
CA GLY B 324 1.40 15.76 6.63
C GLY B 324 2.83 16.24 6.58
N THR B 325 2.98 17.52 6.24
CA THR B 325 4.29 18.12 6.11
C THR B 325 5.06 18.18 7.42
N ARG B 326 4.40 18.60 8.48
CA ARG B 326 5.06 18.67 9.80
C ARG B 326 5.40 17.27 10.34
N THR B 327 4.60 16.26 9.99
CA THR B 327 4.93 14.89 10.43
C THR B 327 6.18 14.38 9.70
N ASN B 328 6.31 14.68 8.40
CA ASN B 328 7.56 14.46 7.72
C ASN B 328 8.76 15.20 8.41
N ALA B 329 8.58 16.46 8.83
CA ALA B 329 9.73 17.14 9.47
C ALA B 329 10.11 16.46 10.77
N ILE B 330 9.07 15.99 11.47
CA ILE B 330 9.25 15.31 12.74
C ILE B 330 10.02 14.00 12.47
N ARG B 331 9.50 13.20 11.54
CA ARG B 331 10.14 11.94 11.24
C ARG B 331 11.62 12.06 10.83
N TYR B 332 11.93 13.06 10.01
CA TYR B 332 13.31 13.23 9.58
C TYR B 332 14.12 14.19 10.44
N GLY B 333 13.58 14.69 11.55
CA GLY B 333 14.38 15.52 12.48
C GLY B 333 14.81 16.85 11.83
N VAL B 334 13.89 17.45 11.07
CA VAL B 334 14.27 18.63 10.29
C VAL B 334 13.68 19.93 10.85
N PRO B 335 14.55 20.89 11.16
CA PRO B 335 14.11 22.20 11.61
C PRO B 335 13.06 22.80 10.64
N GLN B 336 12.10 23.54 11.21
CA GLN B 336 11.01 24.09 10.44
C GLN B 336 10.93 25.65 10.44
N LEU B 337 10.58 26.24 9.29
CA LEU B 337 10.04 27.57 9.35
C LEU B 337 8.58 27.52 8.92
N ILE B 338 7.68 27.85 9.84
CA ILE B 338 6.24 27.71 9.64
C ILE B 338 5.63 29.08 9.43
N VAL B 339 4.86 29.20 8.37
CA VAL B 339 4.01 30.36 8.16
C VAL B 339 2.57 29.81 8.26
N PRO B 340 1.97 29.80 9.46
CA PRO B 340 0.70 29.04 9.64
C PRO B 340 -0.46 29.46 8.77
N ASN B 341 -1.05 28.49 8.10
CA ASN B 341 -2.35 28.71 7.57
C ASN B 341 -3.35 28.56 8.76
N TRP B 342 -4.64 28.70 8.56
CA TRP B 342 -5.54 28.52 9.70
C TRP B 342 -6.61 27.55 9.31
N LEU B 343 -6.26 26.48 8.61
CA LEU B 343 -7.31 25.58 8.11
C LEU B 343 -7.85 24.74 9.27
N TRP B 344 -7.03 24.51 10.29
CA TRP B 344 -7.35 23.49 11.31
C TRP B 344 -6.59 23.67 12.62
N ASP B 345 -5.28 23.49 12.65
CA ASP B 345 -4.53 23.56 13.90
C ASP B 345 -3.12 24.11 13.72
N GLU B 346 -2.85 24.71 12.56
CA GLU B 346 -1.50 25.05 12.15
C GLU B 346 -0.87 26.07 13.05
N GLY B 347 -1.68 27.03 13.50
CA GLY B 347 -1.18 28.10 14.34
C GLY B 347 -0.71 27.55 15.67
N TYR B 348 -1.51 26.68 16.25
CA TYR B 348 -1.29 26.27 17.58
C TYR B 348 -0.16 25.25 17.61
N VAL B 349 -0.10 24.36 16.60
CA VAL B 349 1.06 23.45 16.52
C VAL B 349 2.35 24.19 16.25
N ALA B 350 2.29 25.22 15.41
CA ALA B 350 3.52 25.94 15.08
C ALA B 350 4.14 26.54 16.36
N GLU B 351 3.26 27.11 17.19
CA GLU B 351 3.70 27.62 18.50
C GLU B 351 4.28 26.50 19.37
N ARG B 352 3.67 25.30 19.38
CA ARG B 352 4.31 24.17 20.12
C ARG B 352 5.77 23.86 19.67
N PHE B 353 6.02 23.76 18.36
CA PHE B 353 7.35 23.52 17.86
C PHE B 353 8.32 24.68 18.24
N ALA B 354 7.83 25.93 18.13
CA ALA B 354 8.67 27.09 18.45
C ALA B 354 9.21 26.98 19.91
N GLU B 355 8.30 26.74 20.87
CA GLU B 355 8.66 26.62 22.30
C GLU B 355 9.66 25.49 22.56
N ARG B 356 9.68 24.50 21.70
CA ARG B 356 10.63 23.40 21.93
C ARG B 356 11.97 23.74 21.28
N GLY B 357 11.97 24.83 20.54
CA GLY B 357 13.19 25.26 19.87
C GLY B 357 13.42 24.69 18.50
N ALA B 358 12.44 23.97 17.95
CA ALA B 358 12.62 23.18 16.68
C ALA B 358 12.18 23.94 15.45
N ALA B 359 11.60 25.12 15.68
CA ALA B 359 11.06 25.91 14.61
C ALA B 359 11.09 27.42 14.91
N LEU B 360 11.09 28.22 13.85
CA LEU B 360 10.77 29.66 13.92
C LEU B 360 9.45 29.91 13.18
N VAL B 361 8.65 30.85 13.67
CA VAL B 361 7.31 31.16 13.13
C VAL B 361 7.18 32.61 12.61
N THR B 362 6.55 32.77 11.46
CA THR B 362 6.09 34.09 11.02
C THR B 362 4.65 33.98 10.56
N GLU B 363 3.72 34.55 11.31
CA GLU B 363 2.32 34.64 10.84
C GLU B 363 2.22 35.37 9.54
N VAL B 364 1.18 35.00 8.80
CA VAL B 364 0.81 35.68 7.56
C VAL B 364 0.85 37.20 7.70
N PRO B 365 0.13 37.79 8.69
CA PRO B 365 0.20 39.26 8.86
C PRO B 365 1.61 39.91 9.00
N ASP B 366 2.58 39.24 9.64
CA ASP B 366 3.96 39.73 9.82
C ASP B 366 4.99 39.33 8.75
N LEU B 367 4.52 38.77 7.66
CA LEU B 367 5.38 38.14 6.70
C LEU B 367 6.01 39.12 5.71
N THR B 368 7.33 39.27 5.73
CA THR B 368 8.07 39.99 4.68
C THR B 368 9.17 39.08 4.14
N PRO B 369 9.63 39.35 2.90
CA PRO B 369 10.77 38.59 2.38
C PRO B 369 11.94 38.50 3.39
N ASP B 370 12.32 39.63 3.99
CA ASP B 370 13.51 39.67 4.83
C ASP B 370 13.36 38.86 6.10
N ARG B 371 12.19 38.95 6.72
CA ARG B 371 11.89 38.19 7.92
C ARG B 371 11.95 36.67 7.70
N LEU B 372 11.46 36.22 6.54
CA LEU B 372 11.52 34.82 6.14
C LEU B 372 12.96 34.40 5.94
N ARG B 373 13.72 35.21 5.21
CA ARG B 373 15.15 34.90 4.95
C ARG B 373 15.95 34.87 6.26
N ASP B 374 15.84 35.94 7.04
CA ASP B 374 16.48 35.99 8.36
C ASP B 374 16.16 34.77 9.24
N GLN B 375 14.87 34.37 9.30
CA GLN B 375 14.53 33.14 10.06
C GLN B 375 15.19 31.88 9.48
N LEU B 376 15.14 31.75 8.17
CA LEU B 376 15.81 30.64 7.48
C LEU B 376 17.32 30.63 7.75
N ARG B 377 18.00 31.78 7.59
CA ARG B 377 19.42 31.83 7.92
C ARG B 377 19.68 31.31 9.36
N ARG B 378 18.82 31.68 10.30
CA ARG B 378 19.03 31.14 11.65
C ARG B 378 18.93 29.63 11.80
N LEU B 379 17.96 29.03 11.13
CA LEU B 379 17.73 27.56 11.21
C LEU B 379 18.93 26.77 10.72
N ILE B 380 19.50 27.22 9.60
CA ILE B 380 20.68 26.56 9.12
C ILE B 380 21.97 26.98 9.86
N ALA B 381 22.04 28.18 10.45
CA ALA B 381 23.28 28.61 11.15
C ALA B 381 23.41 28.19 12.64
N GLU B 382 22.32 28.22 13.39
CA GLU B 382 22.35 27.90 14.78
C GLU B 382 21.91 26.45 14.96
N PRO B 383 22.83 25.58 15.43
CA PRO B 383 22.68 24.15 15.69
C PRO B 383 21.61 23.81 16.73
N SER B 384 21.24 24.74 17.60
CA SER B 384 20.17 24.51 18.53
C SER B 384 18.83 24.07 17.88
N PHE B 385 18.62 24.34 16.60
CA PHE B 385 17.37 23.93 15.95
C PHE B 385 17.43 22.47 15.55
N LYS B 386 18.49 22.09 14.85
CA LYS B 386 18.72 20.68 14.58
C LYS B 386 18.67 19.87 15.87
N ALA B 387 19.34 20.33 16.93
CA ALA B 387 19.30 19.62 18.20
C ALA B 387 17.86 19.43 18.69
N ALA B 388 17.08 20.50 18.70
CA ALA B 388 15.66 20.43 19.10
C ALA B 388 14.76 19.53 18.20
N ALA B 389 14.90 19.66 16.88
CA ALA B 389 14.26 18.74 15.93
C ALA B 389 14.65 17.27 16.15
N GLU B 390 15.94 17.03 16.38
CA GLU B 390 16.42 15.68 16.70
C GLU B 390 15.78 15.08 17.95
N GLN B 391 15.65 15.90 18.98
CA GLN B 391 15.10 15.45 20.23
C GLN B 391 13.61 15.06 20.00
N ILE B 392 12.90 15.92 19.26
CA ILE B 392 11.52 15.65 18.85
C ILE B 392 11.38 14.34 18.03
N GLN B 393 12.30 14.12 17.12
CA GLN B 393 12.38 12.89 16.31
C GLN B 393 12.45 11.63 17.18
N LYS B 394 13.33 11.69 18.18
CA LYS B 394 13.62 10.60 19.07
C LYS B 394 12.35 10.25 19.89
N GLU B 395 11.61 11.27 20.35
CA GLU B 395 10.36 11.04 21.08
C GLU B 395 9.30 10.47 20.14
N TYR B 396 9.40 10.85 18.87
CA TYR B 396 8.52 10.29 17.89
C TYR B 396 8.88 8.82 17.60
N ASP B 397 10.17 8.50 17.46
CA ASP B 397 10.56 7.13 17.16
C ASP B 397 10.14 6.14 18.21
N ALA B 398 9.76 6.62 19.36
CA ALA B 398 9.49 5.78 20.47
C ALA B 398 8.02 5.62 20.67
N LEU B 399 7.19 6.37 19.91
CA LEU B 399 5.70 6.19 20.01
C LEU B 399 5.30 4.79 19.56
N PRO B 400 4.05 4.37 19.84
CA PRO B 400 3.79 3.02 19.39
C PRO B 400 3.84 2.85 17.83
N SER B 401 4.42 1.75 17.41
CA SER B 401 4.65 1.48 16.03
C SER B 401 3.31 1.15 15.40
N LEU B 402 3.25 1.05 14.08
CA LEU B 402 1.95 0.72 13.49
C LEU B 402 1.49 -0.74 13.82
N THR B 403 2.41 -1.71 13.79
CA THR B 403 2.20 -3.12 14.23
C THR B 403 1.55 -3.18 15.64
N GLU B 404 2.22 -2.55 16.58
CA GLU B 404 1.66 -2.24 17.90
C GLU B 404 0.26 -1.62 17.86
N THR B 405 0.04 -0.64 16.96
CA THR B 405 -1.26 0.02 16.87
C THR B 405 -2.33 -0.93 16.35
N VAL B 406 -1.95 -1.79 15.40
CA VAL B 406 -2.85 -2.85 14.92
C VAL B 406 -3.24 -3.80 16.11
N GLY B 407 -2.28 -4.16 16.96
CA GLY B 407 -2.59 -4.99 18.15
C GLY B 407 -3.58 -4.26 19.07
N GLU B 408 -3.25 -3.01 19.37
CA GLU B 408 -4.17 -2.16 20.06
C GLU B 408 -5.47 -2.23 19.40
N LEU B 409 -5.50 -2.16 18.06
CA LEU B 409 -6.82 -2.12 17.41
C LEU B 409 -7.52 -3.51 17.37
N VAL B 410 -6.75 -4.58 17.30
CA VAL B 410 -7.37 -5.94 17.50
C VAL B 410 -8.00 -5.93 18.91
N ARG B 411 -7.36 -5.29 19.91
CA ARG B 411 -7.96 -5.27 21.28
C ARG B 411 -9.28 -4.54 21.38
N VAL B 412 -9.37 -3.40 20.67
CA VAL B 412 -10.67 -2.67 20.56
C VAL B 412 -11.74 -3.60 19.98
N ALA B 413 -11.37 -4.36 18.97
CA ALA B 413 -12.35 -5.20 18.31
C ALA B 413 -12.72 -6.36 19.23
N GLU B 414 -11.71 -6.94 19.86
CA GLU B 414 -11.90 -8.09 20.75
C GLU B 414 -12.68 -7.72 22.01
N ARG B 415 -12.27 -6.62 22.68
CA ARG B 415 -12.93 -6.11 23.91
C ARG B 415 -14.33 -5.70 23.55
N GLY B 416 -14.45 -5.04 22.40
CA GLY B 416 -15.76 -4.68 21.86
C GLY B 416 -16.60 -5.83 21.38
N ARG B 417 -16.37 -7.04 21.91
CA ARG B 417 -17.29 -8.17 21.60
C ARG B 417 -17.67 -9.11 22.78
N SER B 418 -18.64 -10.00 22.51
CA SER B 418 -19.38 -10.81 23.51
C SER B 418 -19.24 -12.30 23.11
#